data_7K0Z
#
_entry.id   7K0Z
#
_cell.length_a   72.328
_cell.length_b   110.722
_cell.length_c   207.798
_cell.angle_alpha   90.000
_cell.angle_beta   90.000
_cell.angle_gamma   90.000
#
_symmetry.space_group_name_H-M   'P 21 21 21'
#
loop_
_entity.id
_entity.type
_entity.pdbx_description
1 polymer 'T cell receptor mu chain'
2 polymer 'T cell receptor gamma chain'
3 non-polymer 2-acetamido-2-deoxy-beta-D-glucopyranose
#
loop_
_entity_poly.entity_id
_entity_poly.type
_entity_poly.pdbx_seq_one_letter_code
_entity_poly.pdbx_strand_id
1 'polypeptide(L)'
;ETGGSWAQVKLLESGGKVTHEGQSVTLTCKASGFNFKDYAMSWHWNPSGSNRQFVASISPKTGSKREYKPSIQGRALITR
NNEANTVSLTLRQLRKEDSGIYYCAKPSGLRQWGPKWEPLAEQWENFGPGTELTVLPLEKTLLTESGGGTYQAGKTLSLK
CQTSGFQFKTSQLDWYLWTPGHAPLWLTGLNSSSTDATEGRITSSREDNKNQIFLQIEDLGLRDSGQYHCARRVGNGDDT
DKLVFGLGTRVIVEPRPAAPLSPSVFLVRDQDAVACLIRNFYPKELHVSLTSSGTLISAQSLSLAPTASGTYSAIHIGRV
GENDAITCSVKHLGKEIHMSHQAGSLVPR
;
C,A
2 'polypeptide(L)'
;ETGSCAHMKQQVSFTGIQGDSARITCQVSNAVSYWIHWYRFQDGKPPQRLLCLSRESGELLFDEGFGSNKFHAFKDQFNG
EKFILLIKKLEVRDSGMYYCAIWDWDGLVKVFGEGTRLIVTESAFKKKPPKPIFFLPTSEEIKQKQSGTYICLLEDFFPN
VVKTYWKEDGNSQPLDAQFGPITGGGNSYSQVSWLTVKEDVLRKNLTYFYQHEDLGMEPKAFSISSVREKGSLVPR
;
D,B
#
loop_
_chem_comp.id
_chem_comp.type
_chem_comp.name
_chem_comp.formula
NAG D-saccharide, beta linking 2-acetamido-2-deoxy-beta-D-glucopyranose 'C8 H15 N O6'
#
# COMPACT_ATOMS: atom_id res chain seq x y z
N LEU A 11 70.27 -8.75 -21.23
CA LEU A 11 69.90 -7.41 -20.79
C LEU A 11 68.44 -7.11 -21.06
N LEU A 12 67.54 -7.90 -20.47
CA LEU A 12 66.10 -7.70 -20.66
C LEU A 12 65.44 -7.66 -19.30
N GLU A 13 64.97 -6.48 -18.91
CA GLU A 13 64.32 -6.29 -17.62
C GLU A 13 62.82 -6.16 -17.77
N SER A 14 62.13 -6.47 -16.67
CA SER A 14 60.68 -6.44 -16.58
C SER A 14 60.29 -5.70 -15.31
N GLY A 15 59.03 -5.28 -15.27
CA GLY A 15 58.50 -4.50 -14.18
C GLY A 15 58.16 -3.14 -14.73
N GLY A 16 58.29 -2.09 -13.91
CA GLY A 16 57.98 -0.76 -14.40
C GLY A 16 56.50 -0.53 -14.62
N LYS A 17 55.65 -0.99 -13.70
CA LYS A 17 54.21 -0.81 -13.81
C LYS A 17 53.86 0.62 -13.42
N VAL A 18 52.57 0.92 -13.34
CA VAL A 18 52.09 2.21 -12.87
C VAL A 18 51.50 1.99 -11.48
N THR A 19 51.99 2.78 -10.51
CA THR A 19 51.56 2.65 -9.13
C THR A 19 51.62 4.03 -8.48
N HIS A 20 51.14 4.12 -7.25
CA HIS A 20 51.10 5.40 -6.56
C HIS A 20 52.26 5.51 -5.59
N GLU A 21 52.51 6.74 -5.15
CA GLU A 21 53.73 7.09 -4.40
C GLU A 21 53.79 6.49 -3.01
N GLY A 22 52.95 5.57 -2.58
CA GLY A 22 53.17 4.90 -1.31
C GLY A 22 53.65 3.47 -1.50
N GLN A 23 53.30 2.87 -2.63
CA GLN A 23 53.50 1.45 -2.83
C GLN A 23 54.90 1.12 -3.31
N SER A 24 55.33 -0.10 -3.03
CA SER A 24 56.60 -0.64 -3.48
C SER A 24 56.47 -1.19 -4.90
N VAL A 25 57.63 -1.49 -5.50
CA VAL A 25 57.70 -2.15 -6.79
C VAL A 25 58.93 -3.04 -6.77
N THR A 26 58.91 -4.09 -7.59
CA THR A 26 60.07 -4.94 -7.81
C THR A 26 60.36 -4.97 -9.31
N LEU A 27 61.52 -4.45 -9.70
CA LEU A 27 61.97 -4.55 -11.07
C LEU A 27 62.94 -5.73 -11.16
N THR A 28 62.84 -6.50 -12.24
CA THR A 28 63.69 -7.66 -12.43
C THR A 28 64.43 -7.50 -13.76
N CYS A 29 65.56 -8.19 -13.89
CA CYS A 29 66.38 -8.08 -15.09
C CYS A 29 67.02 -9.44 -15.36
N LYS A 30 66.87 -9.96 -16.56
CA LYS A 30 67.41 -11.25 -16.94
C LYS A 30 68.47 -11.10 -18.01
N ALA A 31 69.52 -11.91 -17.91
CA ALA A 31 70.69 -11.82 -18.77
C ALA A 31 71.08 -13.22 -19.23
N SER A 32 71.51 -13.32 -20.49
CA SER A 32 72.00 -14.57 -21.05
C SER A 32 73.09 -14.28 -22.06
N GLY A 33 74.03 -15.21 -22.20
CA GLY A 33 75.07 -15.11 -23.20
C GLY A 33 76.47 -14.87 -22.68
N PHE A 34 76.66 -14.73 -21.37
CA PHE A 34 77.97 -14.50 -20.79
C PHE A 34 78.00 -15.09 -19.39
N ASN A 35 79.13 -14.90 -18.71
CA ASN A 35 79.24 -15.38 -17.33
C ASN A 35 78.47 -14.41 -16.45
N PHE A 36 77.19 -14.74 -16.20
CA PHE A 36 76.37 -13.89 -15.34
C PHE A 36 76.80 -14.03 -13.88
N LYS A 37 77.23 -15.23 -13.48
CA LYS A 37 77.61 -15.45 -12.10
C LYS A 37 78.84 -14.64 -11.71
N ASP A 38 79.70 -14.31 -12.69
CA ASP A 38 81.03 -13.77 -12.39
C ASP A 38 81.14 -12.27 -12.51
N TYR A 39 80.24 -11.61 -13.23
CA TYR A 39 80.34 -10.18 -13.46
C TYR A 39 79.48 -9.40 -12.48
N ALA A 40 79.92 -8.18 -12.16
CA ALA A 40 79.11 -7.29 -11.33
C ALA A 40 77.91 -6.78 -12.11
N MET A 41 76.90 -6.31 -11.37
CA MET A 41 75.66 -5.84 -11.98
C MET A 41 75.17 -4.61 -11.26
N SER A 42 74.61 -3.67 -12.02
CA SER A 42 74.15 -2.41 -11.47
C SER A 42 72.82 -2.02 -12.10
N TRP A 43 72.06 -1.24 -11.34
CA TRP A 43 70.91 -0.52 -11.85
C TRP A 43 71.25 0.97 -11.90
N HIS A 44 70.85 1.62 -12.99
CA HIS A 44 70.99 3.06 -13.14
C HIS A 44 69.60 3.67 -13.30
N TRP A 45 69.56 5.01 -13.30
CA TRP A 45 68.29 5.71 -13.40
C TRP A 45 68.51 7.02 -14.12
N ASN A 46 67.63 7.31 -15.06
CA ASN A 46 67.58 8.59 -15.77
C ASN A 46 66.18 9.15 -15.58
N PRO A 47 66.01 10.28 -14.88
CA PRO A 47 64.66 10.85 -14.78
C PRO A 47 64.16 11.32 -16.14
N SER A 48 63.22 10.56 -16.72
CA SER A 48 62.68 10.77 -18.05
C SER A 48 63.75 10.66 -19.15
N GLY A 49 64.97 10.26 -18.81
CA GLY A 49 66.04 10.20 -19.78
C GLY A 49 67.08 11.29 -19.57
N SER A 50 68.26 11.06 -20.14
CA SER A 50 69.37 12.01 -20.27
C SER A 50 70.06 12.31 -18.95
N ASN A 51 69.78 11.55 -17.90
CA ASN A 51 70.43 11.74 -16.60
C ASN A 51 70.74 10.38 -15.98
N ARG A 52 71.31 9.48 -16.77
CA ARG A 52 71.63 8.14 -16.29
C ARG A 52 72.67 8.15 -15.18
N GLN A 53 72.23 7.87 -13.96
CA GLN A 53 73.05 7.97 -12.76
C GLN A 53 73.07 6.61 -12.08
N PHE A 54 74.25 6.17 -11.67
CA PHE A 54 74.35 4.91 -10.94
C PHE A 54 73.54 5.01 -9.66
N VAL A 55 72.53 4.16 -9.53
CA VAL A 55 71.68 4.13 -8.35
C VAL A 55 71.90 2.89 -7.50
N ALA A 56 72.29 1.77 -8.09
CA ALA A 56 72.44 0.56 -7.32
C ALA A 56 73.58 -0.26 -7.92
N SER A 57 74.41 -0.83 -7.06
CA SER A 57 75.50 -1.70 -7.51
C SER A 57 75.59 -2.90 -6.60
N ILE A 58 75.74 -4.08 -7.20
CA ILE A 58 75.90 -5.33 -6.48
C ILE A 58 76.93 -6.17 -7.23
N SER A 59 77.68 -6.97 -6.48
CA SER A 59 78.56 -7.95 -7.07
C SER A 59 77.82 -9.29 -7.08
N PRO A 60 77.27 -9.72 -8.22
CA PRO A 60 76.48 -10.98 -8.23
C PRO A 60 77.17 -12.19 -7.64
N LYS A 61 78.49 -12.15 -7.47
CA LYS A 61 79.14 -13.23 -6.73
C LYS A 61 78.29 -13.46 -5.49
N THR A 62 78.24 -12.48 -4.62
CA THR A 62 77.13 -12.29 -3.67
C THR A 62 77.19 -10.84 -3.20
N GLY A 63 76.20 -10.43 -2.42
CA GLY A 63 76.04 -9.03 -2.11
C GLY A 63 77.11 -8.52 -1.16
N SER A 64 78.37 -8.75 -1.54
CA SER A 64 79.49 -8.30 -0.71
C SER A 64 79.67 -6.80 -0.83
N LYS A 65 79.69 -6.28 -2.06
CA LYS A 65 79.69 -4.85 -2.31
C LYS A 65 78.34 -4.50 -2.92
N ARG A 66 77.48 -3.86 -2.14
CA ARG A 66 76.19 -3.39 -2.62
C ARG A 66 76.09 -1.92 -2.23
N GLU A 67 76.33 -1.03 -3.20
CA GLU A 67 76.29 0.41 -2.92
C GLU A 67 75.14 1.02 -3.71
N TYR A 68 73.94 0.94 -3.14
CA TYR A 68 72.77 1.65 -3.68
C TYR A 68 72.37 2.82 -2.78
N LYS A 69 73.22 3.84 -2.73
CA LYS A 69 72.74 4.93 -1.89
C LYS A 69 72.88 6.34 -2.45
N PRO A 70 72.60 6.59 -3.74
CA PRO A 70 72.76 7.96 -4.24
C PRO A 70 71.65 8.88 -3.74
N SER A 71 70.41 8.47 -4.01
CA SER A 71 69.20 9.21 -3.68
C SER A 71 68.08 8.32 -3.18
N ILE A 72 68.23 7.00 -3.28
CA ILE A 72 67.21 6.02 -2.96
C ILE A 72 67.66 5.15 -1.79
N GLN A 73 68.65 5.61 -1.06
CA GLN A 73 69.22 4.82 0.02
C GLN A 73 68.14 4.49 1.03
N GLY A 74 68.15 3.25 1.51
CA GLY A 74 67.14 2.79 2.42
C GLY A 74 65.98 2.08 1.76
N ARG A 75 65.66 2.39 0.50
CA ARG A 75 64.51 1.78 -0.15
C ARG A 75 64.87 0.98 -1.39
N ALA A 76 66.15 0.84 -1.71
CA ALA A 76 66.59 0.05 -2.85
C ALA A 76 67.16 -1.26 -2.35
N LEU A 77 66.76 -2.37 -2.97
CA LEU A 77 67.39 -3.67 -2.70
C LEU A 77 67.60 -4.40 -4.02
N ILE A 78 68.84 -4.48 -4.47
CA ILE A 78 69.20 -5.31 -5.62
C ILE A 78 69.67 -6.68 -5.13
N THR A 79 69.14 -7.70 -5.76
CA THR A 79 69.46 -9.09 -5.44
C THR A 79 69.70 -9.84 -6.74
N ARG A 80 70.72 -10.70 -6.76
CA ARG A 80 71.04 -11.49 -7.93
C ARG A 80 70.90 -12.96 -7.56
N ASN A 81 70.06 -13.69 -8.29
CA ASN A 81 69.91 -15.12 -8.08
C ASN A 81 70.89 -15.94 -8.91
N ASN A 82 70.95 -15.69 -10.21
CA ASN A 82 71.73 -16.39 -11.22
C ASN A 82 71.13 -17.75 -11.58
N GLU A 83 70.16 -18.28 -10.82
CA GLU A 83 69.57 -19.54 -11.20
C GLU A 83 68.56 -19.32 -12.34
N ALA A 84 67.74 -18.28 -12.20
CA ALA A 84 66.92 -17.81 -13.31
C ALA A 84 67.56 -16.61 -13.98
N ASN A 85 68.81 -16.31 -13.62
CA ASN A 85 69.54 -15.15 -14.15
C ASN A 85 68.82 -13.84 -13.85
N THR A 86 68.33 -13.71 -12.63
CA THR A 86 67.54 -12.55 -12.26
C THR A 86 68.34 -11.61 -11.37
N VAL A 87 68.22 -10.32 -11.68
CA VAL A 87 68.77 -9.23 -10.88
C VAL A 87 67.60 -8.29 -10.62
N SER A 88 67.18 -8.20 -9.37
CA SER A 88 66.04 -7.39 -9.00
C SER A 88 66.51 -6.13 -8.28
N LEU A 89 65.75 -5.07 -8.48
CA LEU A 89 65.85 -3.83 -7.71
C LEU A 89 64.44 -3.59 -7.17
N THR A 90 64.29 -3.83 -5.88
CA THR A 90 63.04 -3.58 -5.18
C THR A 90 63.10 -2.17 -4.60
N LEU A 91 62.14 -1.34 -4.98
CA LEU A 91 62.01 0.04 -4.52
C LEU A 91 60.81 0.03 -3.61
N ARG A 92 61.05 0.23 -2.32
CA ARG A 92 60.04 -0.04 -1.31
C ARG A 92 59.12 1.13 -1.04
N GLN A 93 59.62 2.35 -1.10
CA GLN A 93 58.83 3.55 -0.81
C GLN A 93 59.04 4.56 -1.93
N LEU A 94 58.32 4.39 -3.04
CA LEU A 94 58.52 5.24 -4.19
C LEU A 94 57.99 6.65 -3.93
N ARG A 95 58.43 7.58 -4.76
CA ARG A 95 58.07 8.99 -4.59
C ARG A 95 57.93 9.64 -5.96
N LYS A 96 57.36 10.85 -5.97
CA LYS A 96 56.99 11.52 -7.22
C LYS A 96 58.16 11.56 -8.20
N GLU A 97 59.38 11.79 -7.69
CA GLU A 97 60.55 11.95 -8.53
C GLU A 97 61.19 10.61 -8.92
N ASP A 98 60.70 9.49 -8.38
CA ASP A 98 61.17 8.20 -8.82
C ASP A 98 60.74 7.87 -10.24
N SER A 99 59.83 8.64 -10.82
CA SER A 99 59.46 8.48 -12.23
C SER A 99 60.72 8.55 -13.09
N GLY A 100 60.87 7.59 -13.99
CA GLY A 100 62.01 7.65 -14.88
C GLY A 100 62.32 6.29 -15.47
N ILE A 101 63.40 6.27 -16.26
CA ILE A 101 63.86 5.07 -16.93
C ILE A 101 64.98 4.45 -16.10
N TYR A 102 64.74 3.24 -15.61
CA TYR A 102 65.69 2.49 -14.82
C TYR A 102 66.39 1.52 -15.77
N TYR A 103 67.71 1.67 -15.88
CA TYR A 103 68.52 0.87 -16.77
C TYR A 103 69.19 -0.27 -16.01
N CYS A 104 69.52 -1.33 -16.74
CA CYS A 104 70.24 -2.48 -16.22
C CYS A 104 71.63 -2.50 -16.86
N ALA A 105 72.65 -2.77 -16.08
CA ALA A 105 74.02 -2.75 -16.57
C ALA A 105 74.84 -3.91 -16.03
N LEU A 120 87.12 2.74 -6.27
CA LEU A 120 86.09 2.17 -5.41
C LEU A 120 84.81 1.89 -6.18
N ALA A 121 84.51 2.75 -7.16
CA ALA A 121 83.32 2.61 -8.01
C ALA A 121 83.72 1.93 -9.31
N GLU A 122 83.36 0.66 -9.44
CA GLU A 122 83.63 -0.12 -10.64
C GLU A 122 82.96 0.50 -11.86
N GLN A 123 83.69 0.54 -12.98
CA GLN A 123 83.23 1.20 -14.19
C GLN A 123 82.21 0.36 -14.95
N TRP A 124 81.01 0.92 -15.16
CA TRP A 124 79.92 0.26 -15.88
C TRP A 124 79.52 1.12 -17.08
N GLU A 125 79.87 0.68 -18.30
CA GLU A 125 79.40 1.37 -19.50
C GLU A 125 78.68 0.48 -20.52
N ASN A 126 78.33 -0.76 -20.17
CA ASN A 126 77.55 -1.63 -21.06
C ASN A 126 76.07 -1.64 -20.65
N PHE A 127 75.43 -0.48 -20.84
CA PHE A 127 74.04 -0.30 -20.45
C PHE A 127 73.07 -1.11 -21.34
N GLY A 128 71.89 -1.39 -20.78
CA GLY A 128 70.81 -2.04 -21.50
C GLY A 128 69.63 -1.14 -21.82
N PRO A 129 68.50 -1.74 -22.24
CA PRO A 129 67.21 -1.03 -22.49
C PRO A 129 66.27 -0.86 -21.30
N GLY A 130 66.56 0.11 -20.44
CA GLY A 130 65.80 0.42 -19.24
C GLY A 130 64.29 0.47 -19.32
N THR A 131 63.62 -0.11 -18.31
CA THR A 131 62.16 0.02 -18.21
C THR A 131 61.80 1.35 -17.56
N GLU A 132 60.53 1.73 -17.71
CA GLU A 132 60.06 3.01 -17.19
C GLU A 132 59.12 2.80 -16.01
N LEU A 133 59.38 3.51 -14.91
CA LEU A 133 58.53 3.51 -13.73
C LEU A 133 57.82 4.85 -13.63
N THR A 134 56.49 4.82 -13.64
CA THR A 134 55.65 5.99 -13.50
C THR A 134 54.93 5.90 -12.16
N VAL A 135 55.08 6.94 -11.34
CA VAL A 135 54.55 6.97 -9.99
C VAL A 135 53.53 8.11 -9.90
N LEU A 136 52.38 7.83 -9.27
CA LEU A 136 51.31 8.82 -9.28
C LEU A 136 51.15 9.45 -7.90
N PRO A 137 50.61 10.68 -7.84
CA PRO A 137 50.36 11.34 -6.55
C PRO A 137 49.51 10.52 -5.58
N LEU A 138 49.59 10.87 -4.30
CA LEU A 138 48.90 10.13 -3.26
C LEU A 138 47.40 10.38 -3.32
N GLU A 139 46.61 9.33 -3.07
CA GLU A 139 45.16 9.44 -2.97
C GLU A 139 44.73 9.25 -1.53
N LYS A 140 44.16 10.29 -0.95
CA LYS A 140 43.43 10.19 0.30
C LYS A 140 41.94 10.19 0.00
N THR A 141 41.20 9.34 0.69
CA THR A 141 39.77 9.15 0.41
C THR A 141 38.97 9.84 1.51
N LEU A 142 38.49 11.05 1.22
CA LEU A 142 37.63 11.78 2.15
C LEU A 142 36.18 11.66 1.65
N LEU A 143 35.38 10.90 2.40
CA LEU A 143 33.97 10.69 2.12
C LEU A 143 33.16 11.30 3.25
N THR A 144 32.34 12.29 2.94
CA THR A 144 31.54 12.99 3.95
C THR A 144 30.07 12.87 3.58
N GLU A 145 29.32 12.07 4.34
CA GLU A 145 27.89 11.94 4.12
C GLU A 145 27.13 13.03 4.88
N SER A 146 25.96 13.37 4.36
CA SER A 146 25.12 14.39 4.97
C SER A 146 23.70 14.24 4.46
N GLY A 147 22.74 14.68 5.27
CA GLY A 147 21.35 14.65 4.92
C GLY A 147 20.48 13.68 5.70
N GLY A 148 20.92 13.21 6.86
CA GLY A 148 20.14 12.30 7.66
C GLY A 148 19.21 13.01 8.61
N GLY A 149 18.72 12.27 9.60
CA GLY A 149 17.81 12.80 10.59
C GLY A 149 16.68 11.85 10.94
N THR A 150 15.48 12.38 11.15
CA THR A 150 14.29 11.60 11.43
C THR A 150 13.23 11.92 10.40
N TYR A 151 12.60 10.90 9.84
CA TYR A 151 11.67 11.08 8.75
C TYR A 151 10.46 10.19 8.94
N GLN A 152 9.39 10.54 8.22
CA GLN A 152 8.11 9.86 8.32
C GLN A 152 7.94 8.99 7.08
N ALA A 153 7.35 7.80 7.28
CA ALA A 153 7.22 6.83 6.20
C ALA A 153 6.51 7.46 5.01
N GLY A 154 6.87 7.00 3.82
CA GLY A 154 6.35 7.56 2.58
C GLY A 154 7.15 8.73 2.05
N LYS A 155 7.71 9.55 2.94
CA LYS A 155 8.49 10.70 2.53
C LYS A 155 9.74 10.25 1.79
N THR A 156 10.23 11.11 0.91
CA THR A 156 11.35 10.80 0.02
C THR A 156 12.63 11.37 0.60
N LEU A 157 13.62 10.51 0.81
CA LEU A 157 14.87 10.86 1.47
C LEU A 157 15.99 11.00 0.45
N SER A 158 16.70 12.13 0.49
CA SER A 158 17.82 12.41 -0.40
C SER A 158 19.06 12.62 0.44
N LEU A 159 20.10 11.82 0.17
CA LEU A 159 21.34 11.84 0.92
C LEU A 159 22.49 12.26 0.01
N LYS A 160 23.39 13.09 0.54
CA LYS A 160 24.55 13.59 -0.18
C LYS A 160 25.83 12.96 0.36
N CYS A 161 26.81 12.78 -0.53
CA CYS A 161 28.14 12.33 -0.14
C CYS A 161 29.16 13.16 -0.92
N GLN A 162 29.94 13.95 -0.19
CA GLN A 162 31.04 14.74 -0.73
C GLN A 162 32.28 13.87 -0.80
N THR A 163 32.90 13.80 -1.98
CA THR A 163 34.03 12.93 -2.26
C THR A 163 35.23 13.79 -2.66
N SER A 164 36.29 13.75 -1.85
CA SER A 164 37.48 14.51 -2.15
C SER A 164 38.73 13.65 -1.99
N GLY A 165 39.71 13.88 -2.86
CA GLY A 165 41.01 13.26 -2.77
C GLY A 165 41.32 12.17 -3.78
N PHE A 166 40.51 12.02 -4.81
CA PHE A 166 40.74 10.98 -5.81
C PHE A 166 40.01 11.34 -7.09
N GLN A 167 40.48 10.76 -8.19
CA GLN A 167 39.84 10.95 -9.48
C GLN A 167 38.42 10.40 -9.44
N PHE A 168 37.43 11.29 -9.52
CA PHE A 168 36.04 10.91 -9.30
C PHE A 168 35.52 10.00 -10.40
N LYS A 169 35.61 10.45 -11.66
CA LYS A 169 34.84 9.84 -12.74
C LYS A 169 35.14 8.37 -12.92
N THR A 170 36.35 7.92 -12.57
CA THR A 170 36.75 6.54 -12.75
C THR A 170 36.81 5.76 -11.44
N SER A 171 36.12 6.23 -10.41
CA SER A 171 36.04 5.50 -9.15
C SER A 171 34.86 4.54 -9.18
N GLN A 172 34.72 3.76 -8.11
CA GLN A 172 33.59 2.86 -7.91
C GLN A 172 32.96 3.21 -6.57
N LEU A 173 31.72 3.70 -6.60
CA LEU A 173 31.14 4.30 -5.39
C LEU A 173 29.82 3.62 -5.06
N ASP A 174 29.63 3.27 -3.79
CA ASP A 174 28.48 2.47 -3.38
C ASP A 174 27.96 2.97 -2.04
N TRP A 175 26.64 2.84 -1.85
CA TRP A 175 25.99 3.14 -0.59
C TRP A 175 25.74 1.86 0.19
N TYR A 176 25.96 1.91 1.50
CA TYR A 176 25.74 0.76 2.37
C TYR A 176 24.87 1.16 3.56
N LEU A 177 24.11 0.20 4.06
CA LEU A 177 23.22 0.41 5.20
C LEU A 177 23.71 -0.39 6.38
N TRP A 178 24.08 0.29 7.47
CA TRP A 178 24.55 -0.34 8.70
C TRP A 178 23.43 -0.22 9.72
N THR A 179 22.75 -1.33 9.98
CA THR A 179 21.69 -1.38 10.98
C THR A 179 22.15 -2.22 12.16
N PRO A 180 22.05 -1.71 13.38
CA PRO A 180 22.49 -2.48 14.55
C PRO A 180 21.79 -3.84 14.61
N GLY A 181 22.56 -4.85 15.00
CA GLY A 181 22.06 -6.21 14.98
C GLY A 181 21.78 -6.79 13.60
N HIS A 182 22.03 -6.03 12.54
CA HIS A 182 21.82 -6.49 11.17
C HIS A 182 23.15 -6.42 10.42
N ALA A 183 23.33 -7.34 9.48
CA ALA A 183 24.51 -7.29 8.63
C ALA A 183 24.48 -6.03 7.78
N PRO A 184 25.61 -5.33 7.63
CA PRO A 184 25.64 -4.20 6.70
C PRO A 184 25.29 -4.65 5.29
N LEU A 185 24.59 -3.77 4.57
CA LEU A 185 23.96 -4.17 3.32
C LEU A 185 24.24 -3.13 2.25
N TRP A 186 24.53 -3.61 1.03
CA TRP A 186 24.76 -2.76 -0.12
C TRP A 186 23.43 -2.28 -0.70
N LEU A 187 23.33 -0.98 -0.98
CA LEU A 187 22.10 -0.40 -1.50
C LEU A 187 22.16 -0.15 -3.01
N THR A 188 23.13 0.63 -3.47
CA THR A 188 23.22 1.03 -4.87
C THR A 188 24.58 1.66 -5.12
N GLY A 189 25.13 1.41 -6.31
CA GLY A 189 26.48 1.86 -6.61
C GLY A 189 26.65 2.15 -8.09
N LEU A 190 27.86 2.59 -8.45
CA LEU A 190 28.17 2.99 -9.81
C LEU A 190 29.65 2.81 -10.11
N ASN A 191 29.92 2.57 -11.41
CA ASN A 191 31.20 2.28 -12.03
C ASN A 191 31.64 3.46 -12.89
N SER A 192 32.75 3.29 -13.61
CA SER A 192 33.21 4.34 -14.52
C SER A 192 32.38 4.36 -15.79
N SER A 193 32.20 3.22 -16.43
CA SER A 193 31.25 3.08 -17.53
C SER A 193 29.92 2.55 -17.00
N SER A 194 29.36 3.28 -16.02
CA SER A 194 28.13 2.85 -15.39
C SER A 194 26.93 3.11 -16.30
N THR A 195 26.65 4.38 -16.58
CA THR A 195 25.56 4.79 -17.47
C THR A 195 24.28 4.02 -17.17
N ASP A 196 23.97 3.84 -15.88
CA ASP A 196 22.90 2.93 -15.48
C ASP A 196 21.70 3.66 -14.91
N ALA A 197 21.87 4.47 -13.87
CA ALA A 197 20.79 5.22 -13.22
C ALA A 197 19.62 4.30 -12.87
N THR A 198 19.91 3.38 -11.94
CA THR A 198 18.93 2.37 -11.53
C THR A 198 17.65 3.03 -11.01
N GLU A 199 16.51 2.48 -11.43
CA GLU A 199 15.21 2.91 -10.93
C GLU A 199 14.72 1.97 -9.83
N GLY A 200 13.86 2.51 -8.97
CA GLY A 200 13.33 1.75 -7.86
C GLY A 200 13.36 2.57 -6.59
N ARG A 201 13.00 1.94 -5.46
CA ARG A 201 13.06 2.63 -4.17
C ARG A 201 14.49 2.97 -3.77
N ILE A 202 15.47 2.39 -4.47
CA ILE A 202 16.88 2.70 -4.27
C ILE A 202 17.38 3.44 -5.53
N THR A 203 17.80 4.69 -5.35
CA THR A 203 18.26 5.54 -6.43
C THR A 203 19.63 6.09 -6.08
N SER A 204 20.57 6.00 -7.03
CA SER A 204 21.90 6.58 -6.91
C SER A 204 22.14 7.46 -8.12
N SER A 205 22.63 8.67 -7.88
CA SER A 205 23.04 9.56 -8.94
C SER A 205 24.37 10.17 -8.55
N ARG A 206 25.03 10.79 -9.52
CA ARG A 206 26.32 11.42 -9.28
C ARG A 206 26.40 12.73 -10.04
N GLU A 207 26.88 13.77 -9.36
CA GLU A 207 27.23 15.02 -10.00
C GLU A 207 28.74 15.04 -10.19
N ASP A 208 29.17 15.03 -11.45
CA ASP A 208 30.60 14.99 -11.76
C ASP A 208 31.25 16.34 -11.49
N ASN A 209 30.51 17.43 -11.74
CA ASN A 209 31.08 18.77 -11.59
C ASN A 209 31.36 19.10 -10.13
N LYS A 210 30.42 18.79 -9.24
CA LYS A 210 30.59 19.03 -7.82
C LYS A 210 31.25 17.87 -7.09
N ASN A 211 31.64 16.82 -7.81
CA ASN A 211 32.32 15.66 -7.25
C ASN A 211 31.50 15.05 -6.11
N GLN A 212 30.20 14.90 -6.35
CA GLN A 212 29.27 14.46 -5.31
C GLN A 212 28.50 13.23 -5.77
N ILE A 213 28.02 12.45 -4.81
CA ILE A 213 27.14 11.33 -5.10
C ILE A 213 25.90 11.43 -4.22
N PHE A 214 24.80 10.83 -4.66
CA PHE A 214 23.50 11.02 -4.02
C PHE A 214 22.72 9.72 -3.97
N LEU A 215 22.06 9.51 -2.83
CA LEU A 215 21.11 8.44 -2.60
C LEU A 215 19.70 9.00 -2.50
N GLN A 216 18.72 8.19 -2.88
CA GLN A 216 17.32 8.57 -2.78
C GLN A 216 16.51 7.33 -2.43
N ILE A 217 15.74 7.44 -1.35
CA ILE A 217 14.83 6.41 -0.89
C ILE A 217 13.43 7.02 -0.83
N GLU A 218 12.62 6.77 -1.85
CA GLU A 218 11.21 7.13 -1.79
C GLU A 218 10.49 6.16 -0.87
N ASP A 219 9.29 6.57 -0.42
CA ASP A 219 8.39 5.74 0.38
C ASP A 219 9.17 4.96 1.45
N LEU A 220 9.80 5.71 2.34
CA LEU A 220 10.65 5.13 3.36
C LEU A 220 9.91 4.08 4.18
N GLY A 221 10.44 2.86 4.18
CA GLY A 221 9.93 1.81 5.03
C GLY A 221 10.48 1.92 6.44
N LEU A 222 10.12 0.94 7.26
CA LEU A 222 10.61 0.88 8.63
C LEU A 222 11.97 0.18 8.72
N ARG A 223 12.17 -0.88 7.94
CA ARG A 223 13.45 -1.58 7.90
C ARG A 223 14.51 -0.73 7.21
N ASP A 224 14.10 0.44 6.72
CA ASP A 224 14.96 1.41 6.06
C ASP A 224 15.71 2.31 7.03
N SER A 225 15.75 1.98 8.31
CA SER A 225 16.40 2.81 9.32
C SER A 225 17.82 2.30 9.58
N GLY A 226 18.70 3.20 9.96
CA GLY A 226 20.07 2.86 10.28
C GLY A 226 21.02 3.94 9.79
N GLN A 227 22.32 3.64 9.84
CA GLN A 227 23.35 4.57 9.40
C GLN A 227 23.69 4.29 7.94
N TYR A 228 23.61 5.32 7.10
CA TYR A 228 23.90 5.18 5.69
C TYR A 228 25.33 5.63 5.45
N HIS A 229 26.07 4.85 4.66
CA HIS A 229 27.52 4.97 4.55
C HIS A 229 27.91 5.06 3.08
N CYS A 230 28.50 6.20 2.70
CA CYS A 230 29.22 6.27 1.44
C CYS A 230 30.41 5.31 1.49
N ALA A 231 30.78 4.78 0.32
CA ALA A 231 31.87 3.80 0.29
C ALA A 231 32.58 3.86 -1.05
N ARG A 232 33.90 3.83 -1.00
CA ARG A 232 34.75 3.77 -2.17
C ARG A 232 35.52 2.45 -2.16
N ARG A 233 35.62 1.82 -3.33
CA ARG A 233 36.40 0.60 -3.48
C ARG A 233 37.82 0.96 -3.88
N VAL A 234 38.81 0.48 -3.11
CA VAL A 234 40.21 0.77 -3.39
C VAL A 234 41.01 -0.52 -3.35
N GLY A 235 42.09 -0.55 -4.11
CA GLY A 235 42.97 -1.69 -4.12
C GLY A 235 43.44 -2.00 -5.53
N ASN A 236 44.05 -3.19 -5.68
CA ASN A 236 44.64 -3.60 -6.95
C ASN A 236 43.61 -3.79 -8.06
N GLY A 237 42.33 -3.75 -7.75
CA GLY A 237 41.29 -4.02 -8.73
C GLY A 237 40.74 -5.43 -8.70
N ASP A 238 41.08 -6.22 -7.68
CA ASP A 238 40.67 -7.61 -7.59
C ASP A 238 39.98 -7.89 -6.25
N ASP A 239 39.76 -9.16 -5.94
CA ASP A 239 39.16 -9.55 -4.66
C ASP A 239 39.99 -9.11 -3.46
N THR A 240 41.21 -8.61 -3.68
CA THR A 240 42.02 -8.04 -2.60
C THR A 240 41.51 -6.68 -2.14
N ASP A 241 40.75 -5.98 -2.98
CA ASP A 241 40.29 -4.63 -2.70
C ASP A 241 39.51 -4.55 -1.40
N LYS A 242 39.38 -3.32 -0.89
CA LYS A 242 38.68 -3.02 0.34
C LYS A 242 37.74 -1.84 0.11
N LEU A 243 36.95 -1.53 1.14
CA LEU A 243 35.98 -0.44 1.09
C LEU A 243 36.37 0.61 2.12
N VAL A 244 36.74 1.80 1.63
CA VAL A 244 36.87 2.97 2.49
C VAL A 244 35.48 3.52 2.75
N PHE A 245 35.10 3.63 4.01
CA PHE A 245 33.79 4.13 4.41
C PHE A 245 33.92 5.54 4.95
N GLY A 246 32.87 6.33 4.76
CA GLY A 246 32.75 7.62 5.40
C GLY A 246 32.27 7.49 6.82
N LEU A 247 32.15 8.64 7.49
CA LEU A 247 31.56 8.64 8.83
C LEU A 247 30.13 8.14 8.82
N GLY A 248 29.43 8.35 7.71
CA GLY A 248 28.03 7.98 7.60
C GLY A 248 27.11 9.03 8.20
N THR A 249 25.84 8.93 7.84
CA THR A 249 24.80 9.79 8.39
C THR A 249 23.61 8.93 8.77
N ARG A 250 23.01 9.22 9.91
CA ARG A 250 22.03 8.31 10.49
C ARG A 250 20.61 8.71 10.06
N VAL A 251 19.75 7.71 9.94
CA VAL A 251 18.38 7.90 9.46
C VAL A 251 17.45 7.09 10.35
N ILE A 252 16.45 7.77 10.92
CA ILE A 252 15.40 7.15 11.71
C ILE A 252 14.09 7.30 10.93
N VAL A 253 13.27 6.26 10.95
CA VAL A 253 11.93 6.29 10.36
C VAL A 253 10.91 6.13 11.47
N GLU A 254 9.93 7.01 11.51
CA GLU A 254 8.86 7.01 12.51
C GLU A 254 7.55 6.99 11.83
N PRO A 255 6.48 6.49 12.48
CA PRO A 255 5.23 6.20 11.80
C PRO A 255 4.65 7.41 11.06
N ARG A 256 3.97 7.13 9.95
CA ARG A 256 3.17 8.14 9.27
C ARG A 256 2.21 8.77 10.26
N PRO A 257 2.20 10.09 10.39
CA PRO A 257 1.38 10.73 11.44
C PRO A 257 -0.10 10.52 11.19
N ALA A 258 -0.73 9.75 12.08
CA ALA A 258 -2.13 9.40 11.94
C ALA A 258 -2.95 10.09 13.03
N ALA A 259 -4.27 10.04 12.86
CA ALA A 259 -5.16 10.61 13.86
C ALA A 259 -4.99 9.89 15.19
N PRO A 260 -5.28 10.56 16.31
CA PRO A 260 -5.14 9.91 17.61
C PRO A 260 -5.94 8.62 17.71
N LEU A 261 -5.33 7.61 18.33
CA LEU A 261 -5.97 6.32 18.56
C LEU A 261 -5.71 5.92 20.00
N SER A 262 -6.74 5.44 20.65
CA SER A 262 -6.46 5.20 22.06
C SER A 262 -6.18 3.74 22.33
N PRO A 263 -5.31 3.46 23.29
CA PRO A 263 -4.75 2.10 23.42
C PRO A 263 -5.72 1.11 24.02
N SER A 264 -5.52 -0.16 23.66
CA SER A 264 -6.27 -1.27 24.22
C SER A 264 -5.41 -1.95 25.29
N VAL A 265 -5.82 -1.85 26.55
CA VAL A 265 -5.02 -2.30 27.67
C VAL A 265 -5.46 -3.71 28.07
N PHE A 266 -4.49 -4.59 28.30
CA PHE A 266 -4.74 -5.92 28.85
C PHE A 266 -3.68 -6.21 29.89
N LEU A 267 -3.98 -7.14 30.79
CA LEU A 267 -3.04 -7.60 31.80
C LEU A 267 -2.87 -9.11 31.64
N VAL A 268 -1.61 -9.56 31.64
CA VAL A 268 -1.30 -10.98 31.58
C VAL A 268 -0.33 -11.29 32.71
N ARG A 269 -0.79 -12.01 33.72
CA ARG A 269 0.05 -12.44 34.83
C ARG A 269 0.51 -13.87 34.61
N ASP A 270 1.71 -14.18 35.14
CA ASP A 270 2.25 -15.53 35.00
C ASP A 270 3.26 -15.76 36.13
N GLN A 271 2.82 -16.46 37.17
CA GLN A 271 3.69 -17.00 38.21
C GLN A 271 4.62 -15.93 38.78
N ASP A 272 4.00 -14.96 39.46
CA ASP A 272 4.70 -13.87 40.14
C ASP A 272 5.37 -12.91 39.15
N ALA A 273 4.78 -12.73 37.97
CA ALA A 273 5.35 -11.84 36.97
C ALA A 273 4.22 -11.36 36.07
N VAL A 274 3.89 -10.07 36.15
CA VAL A 274 2.78 -9.50 35.40
C VAL A 274 3.31 -8.64 34.26
N ALA A 275 2.51 -8.54 33.20
CA ALA A 275 2.78 -7.65 32.09
C ALA A 275 1.51 -6.91 31.73
N CYS A 276 1.68 -5.67 31.30
CA CYS A 276 0.58 -4.80 30.88
C CYS A 276 0.79 -4.50 29.39
N LEU A 277 -0.10 -5.05 28.57
CA LEU A 277 0.01 -4.99 27.12
C LEU A 277 -0.88 -3.87 26.62
N ILE A 278 -0.26 -2.87 26.00
CA ILE A 278 -0.91 -1.65 25.53
C ILE A 278 -0.72 -1.61 24.02
N ARG A 279 -1.73 -1.18 23.27
CA ARG A 279 -1.56 -1.24 21.82
C ARG A 279 -2.40 -0.20 21.10
N ASN A 280 -1.91 0.17 19.91
CA ASN A 280 -2.63 0.96 18.92
C ASN A 280 -2.91 2.38 19.41
N PHE A 281 -1.82 3.09 19.70
CA PHE A 281 -1.90 4.48 20.17
C PHE A 281 -0.84 5.33 19.47
N TYR A 282 -1.30 6.31 18.69
CA TYR A 282 -0.51 7.43 18.23
C TYR A 282 -1.19 8.71 18.71
N PRO A 283 -0.48 9.61 19.39
CA PRO A 283 0.94 9.53 19.75
C PRO A 283 1.22 8.59 20.90
N LYS A 284 2.51 8.41 21.23
CA LYS A 284 2.95 7.47 22.25
C LYS A 284 3.63 8.18 23.40
N GLU A 285 3.10 9.34 23.80
CA GLU A 285 3.62 10.07 24.94
C GLU A 285 2.97 9.64 26.25
N LEU A 286 2.34 8.47 26.28
CA LEU A 286 1.67 7.98 27.47
C LEU A 286 2.67 7.68 28.59
N HIS A 287 2.17 7.72 29.82
CA HIS A 287 2.93 7.36 31.02
C HIS A 287 2.25 6.14 31.62
N VAL A 288 2.74 4.95 31.30
CA VAL A 288 2.17 3.70 31.79
C VAL A 288 2.86 3.33 33.09
N SER A 289 2.07 2.92 34.08
CA SER A 289 2.62 2.59 35.39
C SER A 289 1.81 1.45 36.00
N LEU A 290 2.52 0.47 36.55
CA LEU A 290 1.90 -0.64 37.26
C LEU A 290 1.81 -0.30 38.75
N THR A 291 0.63 -0.49 39.33
CA THR A 291 0.42 -0.19 40.74
C THR A 291 -0.23 -1.36 41.47
N SER A 293 -2.36 -2.67 44.40
CA SER A 293 -3.50 -1.82 44.74
C SER A 293 -3.04 -0.53 45.40
N GLY A 294 -2.79 0.49 44.58
CA GLY A 294 -2.24 1.74 45.04
C GLY A 294 -0.76 1.70 45.42
N THR A 295 -0.15 0.52 45.44
CA THR A 295 1.26 0.38 45.77
C THR A 295 2.09 0.35 44.49
N LEU A 296 3.03 1.27 44.38
CA LEU A 296 3.84 1.41 43.18
C LEU A 296 4.90 0.30 43.14
N ILE A 297 4.96 -0.41 42.01
CA ILE A 297 5.90 -1.52 41.88
C ILE A 297 7.32 -0.96 41.72
N SER A 298 8.28 -1.64 42.36
CA SER A 298 9.68 -1.24 42.23
C SER A 298 10.32 -1.81 40.97
N ALA A 299 9.91 -3.00 40.55
CA ALA A 299 10.42 -3.62 39.33
C ALA A 299 9.35 -3.49 38.26
N GLN A 300 9.52 -2.52 37.36
CA GLN A 300 8.59 -2.31 36.26
C GLN A 300 9.27 -1.46 35.20
N SER A 301 9.16 -1.89 33.95
CA SER A 301 9.81 -1.19 32.84
C SER A 301 8.87 -1.15 31.65
N LEU A 302 8.90 -0.03 30.92
CA LEU A 302 8.08 0.19 29.75
C LEU A 302 8.92 0.02 28.49
N SER A 303 8.35 -0.68 27.50
CA SER A 303 9.00 -0.89 26.21
C SER A 303 8.01 -0.47 25.13
N LEU A 304 8.36 0.60 24.41
CA LEU A 304 7.51 1.19 23.40
C LEU A 304 8.05 0.87 22.01
N ALA A 305 7.17 0.40 21.12
CA ALA A 305 7.59 0.02 19.78
C ALA A 305 6.42 0.18 18.83
N PRO A 306 6.63 0.75 17.65
CA PRO A 306 5.53 0.88 16.68
C PRO A 306 5.27 -0.42 15.95
N THR A 307 4.00 -0.62 15.59
CA THR A 307 3.58 -1.83 14.90
C THR A 307 3.57 -1.61 13.40
N ALA A 308 3.10 -2.61 12.65
CA ALA A 308 2.98 -2.52 11.20
C ALA A 308 1.68 -1.84 10.76
N SER A 309 1.03 -1.10 11.65
CA SER A 309 -0.20 -0.39 11.34
C SER A 309 -0.05 1.12 11.23
N GLY A 310 1.03 1.67 11.78
CA GLY A 310 1.21 3.10 11.85
C GLY A 310 0.97 3.70 13.21
N THR A 311 0.81 2.87 14.25
CA THR A 311 0.62 3.32 15.61
C THR A 311 1.54 2.53 16.53
N TYR A 312 1.81 3.09 17.70
CA TYR A 312 2.68 2.42 18.65
C TYR A 312 1.91 1.43 19.51
N SER A 313 2.61 0.38 19.93
CA SER A 313 2.22 -0.49 21.02
C SER A 313 3.29 -0.42 22.09
N ALA A 314 3.01 -1.01 23.24
CA ALA A 314 3.91 -0.92 24.38
C ALA A 314 3.62 -2.05 25.34
N ILE A 315 4.60 -2.36 26.17
CA ILE A 315 4.44 -3.36 27.22
C ILE A 315 5.17 -2.86 28.46
N HIS A 316 4.44 -2.77 29.58
CA HIS A 316 5.03 -2.37 30.85
C HIS A 316 4.98 -3.57 31.78
N ILE A 317 6.15 -4.06 32.17
CA ILE A 317 6.28 -5.39 32.75
C ILE A 317 6.88 -5.28 34.15
N GLY A 318 6.37 -6.10 35.06
CA GLY A 318 6.84 -6.13 36.44
C GLY A 318 6.59 -7.46 37.10
N ARG A 319 6.69 -7.49 38.43
CA ARG A 319 6.58 -8.73 39.20
C ARG A 319 5.62 -8.54 40.36
N VAL A 320 4.68 -9.47 40.49
CA VAL A 320 3.72 -9.49 41.60
C VAL A 320 3.25 -10.92 41.79
N GLY A 321 3.31 -11.41 43.03
CA GLY A 321 3.22 -12.83 43.30
C GLY A 321 1.92 -13.47 42.83
N GLU A 322 1.93 -14.81 42.85
CA GLU A 322 0.78 -15.60 42.42
C GLU A 322 -0.46 -15.36 43.27
N ASN A 323 -0.29 -14.80 44.47
CA ASN A 323 -1.43 -14.48 45.32
C ASN A 323 -1.83 -13.02 45.19
N ASP A 324 -0.84 -12.12 45.15
CA ASP A 324 -1.10 -10.68 45.13
C ASP A 324 -1.90 -10.27 43.91
N ALA A 325 -2.65 -9.18 44.06
CA ALA A 325 -3.48 -8.61 43.01
C ALA A 325 -2.87 -7.30 42.51
N ILE A 326 -3.12 -6.97 41.24
CA ILE A 326 -2.38 -5.88 40.60
C ILE A 326 -3.31 -4.97 39.83
N THR A 327 -2.79 -3.79 39.47
CA THR A 327 -3.47 -2.81 38.63
C THR A 327 -2.47 -2.24 37.64
N CYS A 328 -2.97 -1.85 36.47
CA CYS A 328 -2.16 -1.14 35.48
C CYS A 328 -2.89 0.12 35.06
N SER A 329 -2.15 1.23 34.98
CA SER A 329 -2.67 2.53 34.60
C SER A 329 -1.95 3.02 33.35
N VAL A 330 -2.72 3.56 32.40
CA VAL A 330 -2.19 3.99 31.11
C VAL A 330 -2.80 5.35 30.81
N LYS A 331 -2.00 6.40 30.88
CA LYS A 331 -2.47 7.77 30.65
C LYS A 331 -2.09 8.25 29.26
N HIS A 332 -2.61 7.57 28.24
CA HIS A 332 -2.49 8.07 26.88
C HIS A 332 -3.37 9.31 26.73
N LEU A 333 -2.79 10.40 26.21
CA LEU A 333 -3.42 11.71 26.29
C LEU A 333 -4.88 11.65 25.84
N GLY A 334 -5.70 12.44 26.52
CA GLY A 334 -7.14 12.49 26.27
C GLY A 334 -7.95 11.52 27.12
N LYS A 335 -7.38 10.36 27.45
CA LYS A 335 -8.06 9.35 28.23
C LYS A 335 -7.09 8.78 29.26
N GLU A 336 -7.58 7.80 30.02
CA GLU A 336 -6.77 7.13 31.05
C GLU A 336 -7.44 5.81 31.36
N ILE A 337 -6.77 4.71 31.02
CA ILE A 337 -7.37 3.38 31.10
C ILE A 337 -6.63 2.57 32.16
N HIS A 338 -7.38 1.95 33.06
CA HIS A 338 -6.84 1.03 34.04
C HIS A 338 -7.39 -0.37 33.81
N MET A 339 -6.59 -1.36 34.19
CA MET A 339 -7.09 -2.73 34.27
C MET A 339 -6.48 -3.42 35.49
N SER A 340 -7.33 -3.98 36.33
CA SER A 340 -6.92 -4.62 37.57
C SER A 340 -7.31 -6.08 37.55
N HIS A 341 -6.47 -6.91 38.17
CA HIS A 341 -6.75 -8.32 38.35
C HIS A 341 -6.63 -8.70 39.82
N GLN A 342 -7.57 -9.52 40.27
CA GLN A 342 -7.83 -9.79 41.66
C GLN A 342 -7.01 -10.98 42.16
N ALA A 343 -7.20 -11.33 43.43
CA ALA A 343 -6.48 -12.43 44.05
C ALA A 343 -7.27 -13.73 43.97
N SER B 4 20.60 -18.13 -4.46
CA SER B 4 21.76 -18.84 -3.94
C SER B 4 22.88 -17.87 -3.61
N CYS B 5 22.65 -17.02 -2.62
CA CYS B 5 23.59 -15.97 -2.24
C CYS B 5 24.44 -16.40 -1.04
N ALA B 6 25.50 -15.64 -0.82
CA ALA B 6 26.55 -15.97 0.14
C ALA B 6 26.22 -15.39 1.51
N HIS B 7 26.24 -16.24 2.54
CA HIS B 7 25.88 -15.84 3.89
C HIS B 7 27.05 -16.06 4.84
N MET B 8 27.04 -15.32 5.94
CA MET B 8 28.12 -15.32 6.92
C MET B 8 27.50 -15.45 8.29
N LYS B 9 27.74 -16.58 8.96
CA LYS B 9 27.23 -16.82 10.29
C LYS B 9 28.32 -16.45 11.31
N GLN B 10 28.01 -15.49 12.18
CA GLN B 10 28.92 -15.08 13.24
C GLN B 10 28.22 -15.22 14.59
N GLN B 11 29.00 -15.58 15.61
CA GLN B 11 28.47 -15.59 16.98
C GLN B 11 27.95 -14.19 17.32
N VAL B 12 26.95 -14.16 18.21
CA VAL B 12 26.24 -12.90 18.45
C VAL B 12 27.16 -11.89 19.11
N SER B 13 28.13 -12.35 19.92
CA SER B 13 29.11 -11.48 20.54
C SER B 13 30.25 -12.34 21.06
N PHE B 14 31.35 -11.67 21.42
CA PHE B 14 32.43 -12.31 22.14
C PHE B 14 32.94 -11.36 23.21
N THR B 15 32.93 -11.81 24.46
CA THR B 15 33.49 -11.07 25.58
C THR B 15 34.64 -11.86 26.17
N GLY B 16 35.74 -11.17 26.45
CA GLY B 16 36.88 -11.78 27.10
C GLY B 16 37.50 -10.83 28.11
N ILE B 17 38.10 -11.41 29.15
CA ILE B 17 38.80 -10.61 30.13
C ILE B 17 39.95 -9.88 29.46
N GLN B 18 40.12 -8.62 29.83
CA GLN B 18 41.17 -7.78 29.27
C GLN B 18 42.54 -8.45 29.38
N GLY B 19 43.28 -8.42 28.28
CA GLY B 19 44.58 -9.06 28.21
C GLY B 19 44.58 -10.48 27.64
N ASP B 20 43.41 -11.07 27.41
CA ASP B 20 43.31 -12.39 26.81
C ASP B 20 43.11 -12.28 25.30
N SER B 21 42.85 -13.41 24.67
CA SER B 21 42.60 -13.46 23.23
C SER B 21 41.09 -13.42 22.96
N ALA B 22 40.75 -13.22 21.69
CA ALA B 22 39.36 -13.17 21.24
C ALA B 22 39.26 -13.88 19.90
N ARG B 23 38.62 -15.05 19.88
CA ARG B 23 38.33 -15.76 18.63
C ARG B 23 36.94 -15.37 18.15
N ILE B 24 36.88 -14.51 17.13
CA ILE B 24 35.63 -14.16 16.49
C ILE B 24 35.50 -15.08 15.28
N THR B 25 34.53 -15.98 15.33
CA THR B 25 34.33 -16.98 14.30
C THR B 25 33.38 -16.47 13.21
N CYS B 26 33.50 -17.07 12.04
CA CYS B 26 32.72 -16.68 10.87
C CYS B 26 32.64 -17.90 9.96
N GLN B 27 31.43 -18.42 9.78
CA GLN B 27 31.18 -19.58 8.93
C GLN B 27 30.60 -19.08 7.61
N VAL B 28 31.25 -19.43 6.51
CA VAL B 28 30.85 -18.93 5.20
C VAL B 28 29.95 -19.94 4.52
N SER B 29 29.01 -19.42 3.72
CA SER B 29 28.04 -20.22 2.98
C SER B 29 27.96 -19.69 1.56
N ASN B 30 28.29 -20.56 0.59
CA ASN B 30 28.13 -20.27 -0.83
C ASN B 30 29.06 -19.14 -1.28
N ALA B 31 30.33 -19.23 -0.88
CA ALA B 31 31.35 -18.28 -1.31
C ALA B 31 32.45 -18.99 -2.07
N VAL B 32 32.95 -18.33 -3.13
CA VAL B 32 34.05 -18.79 -3.96
C VAL B 32 35.19 -17.76 -4.06
N SER B 33 35.11 -16.66 -3.32
CA SER B 33 35.95 -15.48 -3.56
C SER B 33 37.41 -15.62 -3.16
N TYR B 34 37.82 -16.69 -2.46
CA TYR B 34 39.21 -16.90 -2.06
C TYR B 34 39.78 -15.82 -1.14
N TRP B 35 38.96 -14.88 -0.67
CA TRP B 35 39.48 -13.76 0.13
C TRP B 35 38.40 -13.32 1.11
N ILE B 36 38.62 -13.59 2.39
CA ILE B 36 37.74 -13.13 3.46
C ILE B 36 38.36 -11.88 4.06
N HIS B 37 37.58 -10.81 4.16
CA HIS B 37 38.03 -9.57 4.77
C HIS B 37 37.46 -9.45 6.17
N TRP B 38 38.13 -8.67 7.01
CA TRP B 38 37.64 -8.40 8.35
C TRP B 38 37.54 -6.90 8.56
N TYR B 39 36.32 -6.44 8.84
CA TYR B 39 36.04 -5.03 9.04
C TYR B 39 35.71 -4.79 10.50
N ARG B 40 36.07 -3.62 10.99
CA ARG B 40 35.70 -3.17 12.32
C ARG B 40 34.87 -1.92 12.21
N PHE B 41 33.84 -1.83 13.06
CA PHE B 41 33.07 -0.62 13.23
C PHE B 41 33.17 -0.22 14.69
N GLN B 42 33.78 0.92 14.95
CA GLN B 42 33.92 1.44 16.30
C GLN B 42 33.05 2.66 16.40
N ASP B 43 32.18 2.68 17.42
CA ASP B 43 31.19 3.74 17.56
C ASP B 43 31.87 5.10 17.59
N GLY B 44 31.59 5.93 16.58
CA GLY B 44 32.22 7.22 16.41
C GLY B 44 33.21 7.27 15.26
N LYS B 45 33.95 6.15 15.00
CA LYS B 45 34.86 6.14 13.87
C LYS B 45 34.19 5.53 12.64
N PRO B 46 34.55 6.00 11.45
CA PRO B 46 34.16 5.30 10.23
C PRO B 46 34.57 3.84 10.29
N PRO B 47 33.82 2.95 9.65
CA PRO B 47 34.24 1.54 9.60
C PRO B 47 35.40 1.32 8.64
N GLN B 48 36.39 0.56 9.11
CA GLN B 48 37.58 0.28 8.33
C GLN B 48 37.81 -1.23 8.28
N ARG B 49 38.49 -1.68 7.23
CA ARG B 49 38.98 -3.05 7.18
C ARG B 49 40.24 -3.17 8.03
N LEU B 50 40.26 -4.15 8.93
CA LEU B 50 41.50 -4.49 9.61
C LEU B 50 42.47 -5.18 8.67
N LEU B 51 42.01 -6.21 7.96
CA LEU B 51 42.89 -7.12 7.24
C LEU B 51 42.06 -7.95 6.27
N CYS B 52 42.75 -8.80 5.52
CA CYS B 52 42.10 -9.78 4.66
C CYS B 52 42.98 -11.02 4.56
N LEU B 53 42.33 -12.18 4.54
CA LEU B 53 42.95 -13.49 4.52
C LEU B 53 42.59 -14.21 3.23
N SER B 54 43.51 -15.02 2.74
CA SER B 54 43.28 -15.84 1.56
C SER B 54 42.81 -17.22 1.98
N ARG B 55 41.66 -17.63 1.47
CA ARG B 55 41.14 -18.96 1.78
C ARG B 55 42.06 -20.06 1.25
N GLU B 56 42.82 -19.77 0.20
CA GLU B 56 43.66 -20.80 -0.40
C GLU B 56 45.04 -20.85 0.24
N SER B 57 45.75 -19.71 0.24
CA SER B 57 47.15 -19.71 0.65
C SER B 57 47.33 -19.45 2.14
N GLY B 58 46.48 -18.64 2.76
CA GLY B 58 46.61 -18.33 4.16
C GLY B 58 47.32 -17.03 4.44
N GLU B 59 47.83 -16.35 3.41
CA GLU B 59 48.50 -15.08 3.60
C GLU B 59 47.51 -14.01 4.05
N LEU B 60 47.99 -13.12 4.90
CA LEU B 60 47.21 -12.01 5.39
C LEU B 60 47.76 -10.69 4.86
N LEU B 61 46.86 -9.74 4.67
CA LEU B 61 47.20 -8.41 4.21
C LEU B 61 46.54 -7.47 5.22
N PHE B 62 47.34 -6.78 6.02
CA PHE B 62 46.80 -5.86 6.99
C PHE B 62 46.59 -4.50 6.36
N ASP B 63 45.77 -3.68 7.01
CA ASP B 63 45.52 -2.33 6.55
C ASP B 63 46.27 -1.35 7.44
N GLU B 64 46.12 -0.07 7.11
CA GLU B 64 46.97 0.97 7.68
C GLU B 64 46.90 0.96 9.21
N GLY B 65 48.04 0.67 9.84
CA GLY B 65 48.15 0.67 11.28
C GLY B 65 47.69 -0.59 11.99
N PHE B 66 47.43 -1.67 11.27
CA PHE B 66 47.07 -2.94 11.88
C PHE B 66 48.15 -3.97 11.57
N GLY B 67 48.30 -4.94 12.47
CA GLY B 67 49.39 -5.89 12.30
C GLY B 67 49.16 -7.17 13.05
N SER B 68 50.11 -8.10 12.86
CA SER B 68 50.01 -9.44 13.41
C SER B 68 50.14 -9.48 14.93
N ASN B 69 50.62 -8.41 15.57
CA ASN B 69 50.71 -8.41 17.02
C ASN B 69 49.33 -8.42 17.67
N LYS B 70 48.36 -7.75 17.05
CA LYS B 70 47.01 -7.66 17.60
C LYS B 70 45.99 -8.52 16.87
N PHE B 71 46.19 -8.79 15.58
CA PHE B 71 45.21 -9.49 14.78
C PHE B 71 45.86 -10.66 14.05
N HIS B 72 45.11 -11.76 13.92
CA HIS B 72 45.54 -12.88 13.09
C HIS B 72 44.31 -13.59 12.56
N ALA B 73 44.29 -13.86 11.26
CA ALA B 73 43.14 -14.49 10.63
C ALA B 73 43.55 -15.83 10.05
N PHE B 74 42.79 -16.87 10.38
CA PHE B 74 43.09 -18.19 9.85
C PHE B 74 41.78 -18.93 9.59
N LYS B 75 41.92 -20.19 9.17
CA LYS B 75 40.78 -21.05 8.85
C LYS B 75 40.80 -22.23 9.80
N ASP B 76 39.72 -22.40 10.55
CA ASP B 76 39.65 -23.45 11.56
C ASP B 76 39.71 -24.81 10.88
N GLN B 77 40.68 -25.63 11.30
CA GLN B 77 40.76 -26.99 10.80
C GLN B 77 39.56 -27.82 11.24
N PHE B 78 38.93 -27.44 12.35
CA PHE B 78 37.76 -28.15 12.85
C PHE B 78 36.48 -27.60 12.23
N ASN B 79 35.54 -28.51 11.95
CA ASN B 79 34.21 -28.25 11.39
C ASN B 79 34.22 -27.79 9.94
N GLY B 80 35.38 -27.41 9.40
CA GLY B 80 35.50 -27.04 8.01
C GLY B 80 34.93 -25.66 7.68
N GLU B 81 35.58 -24.92 6.77
CA GLU B 81 35.07 -23.64 6.27
C GLU B 81 34.73 -22.65 7.39
N LYS B 82 35.23 -22.90 8.60
CA LYS B 82 35.14 -21.93 9.68
C LYS B 82 36.39 -21.06 9.65
N PHE B 83 36.21 -19.76 9.85
CA PHE B 83 37.35 -18.84 9.82
C PHE B 83 37.34 -18.02 11.09
N ILE B 84 38.53 -17.76 11.62
CA ILE B 84 38.68 -17.08 12.89
C ILE B 84 39.51 -15.82 12.69
N LEU B 85 39.02 -14.73 13.29
CA LEU B 85 39.82 -13.55 13.56
C LEU B 85 40.18 -13.56 15.04
N LEU B 86 41.48 -13.70 15.33
CA LEU B 86 42.01 -13.76 16.67
C LEU B 86 42.58 -12.40 17.01
N ILE B 87 41.88 -11.68 17.89
CA ILE B 87 42.35 -10.41 18.43
C ILE B 87 43.10 -10.70 19.72
N LYS B 88 44.41 -10.45 19.72
CA LYS B 88 45.25 -10.79 20.86
C LYS B 88 45.50 -9.56 21.72
N LYS B 89 45.73 -9.80 23.02
CA LYS B 89 45.99 -8.75 24.01
C LYS B 89 44.93 -7.65 23.95
N LEU B 90 43.73 -8.04 24.38
CA LEU B 90 42.56 -7.18 24.30
C LEU B 90 42.73 -5.91 25.13
N GLU B 91 42.23 -4.79 24.60
CA GLU B 91 42.06 -3.55 25.33
C GLU B 91 40.64 -3.04 25.12
N VAL B 92 40.33 -1.89 25.70
CA VAL B 92 38.99 -1.34 25.59
C VAL B 92 38.82 -0.56 24.29
N ARG B 93 39.90 0.01 23.75
CA ARG B 93 39.84 0.58 22.41
C ARG B 93 39.55 -0.50 21.36
N ASP B 94 39.85 -1.76 21.67
CA ASP B 94 39.56 -2.88 20.78
C ASP B 94 38.08 -3.23 20.74
N SER B 95 37.28 -2.74 21.68
CA SER B 95 35.85 -2.98 21.68
C SER B 95 35.21 -2.47 20.40
N GLY B 96 34.10 -3.08 20.02
CA GLY B 96 33.38 -2.60 18.84
C GLY B 96 32.72 -3.75 18.11
N MET B 97 32.51 -3.56 16.81
CA MET B 97 31.86 -4.52 15.96
C MET B 97 32.87 -5.12 15.00
N TYR B 98 32.91 -6.46 14.92
CA TYR B 98 33.83 -7.16 14.03
C TYR B 98 33.03 -8.00 13.06
N TYR B 99 33.13 -7.66 11.78
CA TYR B 99 32.42 -8.29 10.69
C TYR B 99 33.40 -9.04 9.80
N CYS B 100 32.93 -10.15 9.22
CA CYS B 100 33.64 -10.81 8.14
C CYS B 100 32.88 -10.54 6.84
N ALA B 101 33.64 -10.30 5.77
CA ALA B 101 33.06 -9.81 4.52
C ALA B 101 33.70 -10.53 3.35
N ILE B 102 32.98 -10.55 2.22
CA ILE B 102 33.47 -11.17 1.00
C ILE B 102 32.91 -10.44 -0.21
N TRP B 103 33.50 -10.68 -1.37
CA TRP B 103 32.95 -10.18 -2.62
C TRP B 103 32.06 -11.24 -3.27
N ASP B 104 30.93 -10.80 -3.81
CA ASP B 104 29.95 -11.71 -4.39
C ASP B 104 29.37 -11.07 -5.64
N TRP B 105 28.61 -11.86 -6.39
CA TRP B 105 27.92 -11.42 -7.61
C TRP B 105 28.89 -10.75 -8.57
N ASP B 106 29.88 -11.54 -9.02
CA ASP B 106 30.90 -11.10 -9.96
C ASP B 106 31.78 -9.98 -9.39
N GLY B 107 31.90 -9.92 -8.06
CA GLY B 107 32.77 -8.94 -7.46
C GLY B 107 32.31 -7.50 -7.46
N LEU B 108 31.02 -7.24 -7.64
CA LEU B 108 30.52 -5.87 -7.61
C LEU B 108 29.81 -5.51 -6.31
N VAL B 109 29.49 -6.48 -5.47
CA VAL B 109 28.83 -6.24 -4.19
C VAL B 109 29.63 -6.95 -3.11
N LYS B 110 29.72 -6.34 -1.93
CA LYS B 110 30.41 -6.91 -0.79
C LYS B 110 29.37 -7.31 0.26
N VAL B 111 29.52 -8.52 0.80
CA VAL B 111 28.56 -9.13 1.71
C VAL B 111 29.22 -9.28 3.07
N PHE B 112 28.55 -8.78 4.09
CA PHE B 112 29.06 -8.76 5.46
C PHE B 112 28.26 -9.72 6.33
N GLY B 113 28.91 -10.22 7.37
CA GLY B 113 28.21 -10.98 8.38
C GLY B 113 27.36 -10.10 9.27
N GLU B 114 26.52 -10.74 10.07
CA GLU B 114 25.65 -10.00 10.98
C GLU B 114 26.45 -9.17 11.96
N GLY B 115 27.64 -9.63 12.31
CA GLY B 115 28.54 -8.89 13.17
C GLY B 115 28.68 -9.55 14.53
N THR B 116 29.89 -9.53 15.06
CA THR B 116 30.16 -9.98 16.41
C THR B 116 30.66 -8.79 17.22
N ARG B 117 29.96 -8.47 18.30
CA ARG B 117 30.37 -7.36 19.14
C ARG B 117 31.40 -7.83 20.15
N LEU B 118 32.59 -7.26 20.06
CA LEU B 118 33.64 -7.50 21.04
C LEU B 118 33.48 -6.49 22.17
N ILE B 119 33.33 -7.01 23.39
CA ILE B 119 33.20 -6.22 24.60
C ILE B 119 34.34 -6.63 25.52
N VAL B 120 35.11 -5.64 25.98
CA VAL B 120 36.28 -5.90 26.79
C VAL B 120 35.98 -5.43 28.20
N THR B 121 35.82 -6.39 29.10
CA THR B 121 35.59 -6.11 30.52
C THR B 121 36.90 -5.72 31.20
N GLU B 122 36.83 -4.70 32.05
CA GLU B 122 38.02 -4.27 32.78
C GLU B 122 38.53 -5.34 33.74
N SER B 123 37.70 -6.30 34.11
CA SER B 123 38.10 -7.40 34.98
C SER B 123 37.23 -8.61 34.65
N ALA B 124 37.36 -9.67 35.46
CA ALA B 124 36.59 -10.88 35.22
C ALA B 124 35.10 -10.59 35.24
N PHE B 125 34.32 -11.44 34.57
CA PHE B 125 32.91 -11.19 34.36
C PHE B 125 32.12 -12.49 34.43
N LYS B 126 30.88 -12.39 34.89
CA LYS B 126 29.95 -13.51 34.93
C LYS B 126 29.18 -13.57 33.61
N LYS B 127 29.30 -14.69 32.90
CA LYS B 127 28.66 -14.87 31.60
C LYS B 127 27.33 -15.63 31.76
N LYS B 128 26.38 -14.95 32.39
CA LYS B 128 25.06 -15.50 32.68
C LYS B 128 24.19 -15.55 31.42
N PRO B 129 23.39 -16.61 31.27
CA PRO B 129 22.55 -16.76 30.08
C PRO B 129 21.15 -16.21 30.30
N PRO B 130 20.39 -15.98 29.24
CA PRO B 130 19.05 -15.40 29.40
C PRO B 130 18.01 -16.42 29.80
N LYS B 131 17.04 -15.96 30.58
CA LYS B 131 15.93 -16.79 31.01
C LYS B 131 14.64 -16.25 30.39
N PRO B 132 13.92 -17.03 29.59
CA PRO B 132 12.68 -16.53 29.00
C PRO B 132 11.45 -16.86 29.84
N ILE B 133 10.50 -15.92 29.85
CA ILE B 133 9.15 -16.18 30.33
C ILE B 133 8.18 -15.79 29.23
N PHE B 134 7.14 -16.59 29.06
CA PHE B 134 6.19 -16.41 27.96
C PHE B 134 4.79 -16.19 28.51
N PHE B 135 4.12 -15.17 27.99
CA PHE B 135 2.72 -14.88 28.27
C PHE B 135 1.95 -15.15 27.00
N LEU B 136 0.96 -16.04 27.09
CA LEU B 136 0.10 -16.38 25.97
C LEU B 136 -0.97 -15.31 25.82
N PRO B 137 -1.63 -15.24 24.66
CA PRO B 137 -2.73 -14.28 24.51
C PRO B 137 -3.92 -14.70 25.35
N THR B 138 -4.59 -13.72 25.93
CA THR B 138 -5.71 -13.99 26.82
C THR B 138 -7.00 -14.09 26.03
N SER B 139 -8.02 -14.65 26.68
CA SER B 139 -9.35 -14.70 26.10
C SER B 139 -9.96 -13.31 25.97
N GLU B 140 -9.59 -12.40 26.88
CA GLU B 140 -10.07 -11.03 26.77
C GLU B 140 -9.43 -10.29 25.61
N GLU B 141 -8.17 -10.60 25.29
CA GLU B 141 -7.49 -9.94 24.20
C GLU B 141 -7.89 -10.48 22.84
N ILE B 142 -8.28 -11.76 22.77
CA ILE B 142 -8.83 -12.31 21.53
C ILE B 142 -10.28 -11.88 21.34
N LYS B 143 -11.05 -11.76 22.43
CA LYS B 143 -12.40 -11.22 22.32
C LYS B 143 -12.40 -9.75 21.90
N GLN B 144 -11.53 -8.95 22.52
CA GLN B 144 -11.54 -7.51 22.28
C GLN B 144 -10.93 -7.15 20.93
N LYS B 145 -9.80 -7.76 20.56
CA LYS B 145 -9.01 -7.30 19.42
C LYS B 145 -8.89 -8.32 18.30
N GLN B 146 -9.62 -9.44 18.36
CA GLN B 146 -9.64 -10.46 17.31
C GLN B 146 -8.23 -10.89 16.90
N SER B 147 -7.29 -10.79 17.84
CA SER B 147 -5.92 -11.21 17.62
C SER B 147 -5.29 -11.46 18.98
N GLY B 148 -4.19 -12.21 18.98
CA GLY B 148 -3.48 -12.50 20.20
C GLY B 148 -2.12 -11.85 20.20
N THR B 149 -1.47 -11.86 21.37
CA THR B 149 -0.15 -11.28 21.52
C THR B 149 0.66 -12.22 22.39
N TYR B 150 1.73 -12.76 21.83
CA TYR B 150 2.66 -13.60 22.57
C TYR B 150 3.77 -12.72 23.08
N ILE B 151 3.89 -12.61 24.41
CA ILE B 151 4.85 -11.72 25.03
C ILE B 151 5.97 -12.56 25.61
N CYS B 152 7.19 -12.36 25.14
CA CYS B 152 8.34 -13.05 25.70
C CYS B 152 9.25 -12.03 26.38
N LEU B 153 9.57 -12.29 27.65
CA LEU B 153 10.53 -11.47 28.38
C LEU B 153 11.77 -12.31 28.61
N LEU B 154 12.87 -11.93 27.96
CA LEU B 154 14.18 -12.51 28.24
C LEU B 154 14.81 -11.68 29.34
N GLU B 155 15.08 -12.30 30.47
CA GLU B 155 15.56 -11.59 31.64
C GLU B 155 16.90 -12.14 32.09
N ASP B 156 17.69 -11.27 32.73
CA ASP B 156 18.86 -11.65 33.50
C ASP B 156 19.89 -12.40 32.64
N PHE B 157 20.46 -11.65 31.69
CA PHE B 157 21.54 -12.20 30.86
C PHE B 157 22.69 -11.22 30.77
N PHE B 158 23.89 -11.78 30.58
CA PHE B 158 25.12 -11.05 30.31
C PHE B 158 25.87 -11.73 29.19
N PRO B 159 26.40 -10.96 28.22
CA PRO B 159 26.41 -9.50 28.14
C PRO B 159 25.11 -8.92 27.58
N ASN B 160 25.10 -7.60 27.39
CA ASN B 160 23.91 -6.89 26.91
C ASN B 160 23.76 -7.01 25.39
N VAL B 161 23.71 -8.26 24.93
CA VAL B 161 23.65 -8.57 23.50
C VAL B 161 22.86 -9.87 23.35
N VAL B 162 21.85 -9.85 22.48
CA VAL B 162 21.00 -11.02 22.24
C VAL B 162 20.23 -10.81 20.94
N LYS B 163 20.03 -11.90 20.21
CA LYS B 163 19.21 -11.89 18.99
C LYS B 163 17.99 -12.78 19.19
N THR B 164 16.81 -12.29 18.80
CA THR B 164 15.59 -13.07 18.92
C THR B 164 14.76 -12.96 17.65
N TYR B 165 13.93 -13.97 17.40
CA TYR B 165 13.00 -13.94 16.29
C TYR B 165 11.96 -15.03 16.46
N TRP B 166 10.95 -15.01 15.58
CA TRP B 166 9.84 -15.95 15.62
C TRP B 166 9.64 -16.53 14.23
N LYS B 167 9.35 -17.82 14.16
CA LYS B 167 9.11 -18.49 12.88
C LYS B 167 8.18 -19.67 13.12
N GLU B 168 7.03 -19.67 12.44
CA GLU B 168 6.08 -20.77 12.56
C GLU B 168 6.57 -22.02 11.82
N ASN B 171 6.48 -21.29 8.54
CA ASN B 171 7.19 -20.40 7.64
C ASN B 171 8.69 -20.40 7.93
N SER B 172 9.48 -20.15 6.89
CA SER B 172 10.93 -20.05 7.06
C SER B 172 11.38 -18.63 7.36
N GLN B 173 10.85 -17.65 6.64
CA GLN B 173 11.12 -16.26 6.96
C GLN B 173 10.63 -15.93 8.37
N PRO B 174 11.44 -15.27 9.20
CA PRO B 174 11.02 -14.96 10.57
C PRO B 174 9.83 -14.00 10.57
N LEU B 175 9.01 -14.12 11.61
CA LEU B 175 7.80 -13.31 11.69
C LEU B 175 8.09 -11.95 12.28
N ASP B 176 7.32 -10.95 11.83
CA ASP B 176 7.56 -9.57 12.19
C ASP B 176 7.01 -9.34 13.59
N ALA B 177 7.91 -9.10 14.55
CA ALA B 177 7.55 -8.80 15.92
C ALA B 177 7.96 -7.38 16.28
N GLN B 178 7.57 -6.97 17.48
CA GLN B 178 8.04 -5.73 18.08
C GLN B 178 9.05 -6.06 19.17
N PHE B 179 10.15 -5.32 19.22
CA PHE B 179 11.23 -5.61 20.16
C PHE B 179 11.44 -4.39 21.04
N GLY B 180 11.57 -4.63 22.35
CA GLY B 180 11.77 -3.55 23.30
C GLY B 180 13.21 -3.15 23.42
N PRO B 181 13.46 -1.93 23.87
CA PRO B 181 14.83 -1.54 24.27
C PRO B 181 15.41 -2.49 25.30
N ILE B 182 16.66 -2.89 25.09
CA ILE B 182 17.38 -3.68 26.08
C ILE B 182 17.68 -2.81 27.28
N THR B 183 17.11 -3.17 28.43
CA THR B 183 17.19 -2.36 29.64
C THR B 183 17.91 -3.15 30.73
N GLY B 184 18.78 -2.48 31.46
CA GLY B 184 19.47 -3.09 32.56
C GLY B 184 20.77 -2.36 32.85
N GLY B 185 21.58 -2.99 33.70
CA GLY B 185 22.88 -2.44 34.00
C GLY B 185 23.71 -3.45 34.77
N GLY B 186 24.92 -3.03 35.11
CA GLY B 186 25.80 -3.88 35.91
C GLY B 186 26.05 -5.20 35.22
N ASN B 187 25.57 -6.27 35.85
CA ASN B 187 25.69 -7.62 35.32
C ASN B 187 24.32 -8.27 35.09
N SER B 188 23.32 -7.46 34.74
CA SER B 188 22.00 -8.00 34.42
C SER B 188 21.30 -7.08 33.42
N TYR B 189 20.92 -7.64 32.28
CA TYR B 189 20.21 -6.92 31.23
C TYR B 189 19.01 -7.75 30.80
N SER B 190 18.06 -7.12 30.10
CA SER B 190 16.84 -7.82 29.74
C SER B 190 16.19 -7.15 28.53
N GLN B 191 15.35 -7.90 27.83
CA GLN B 191 14.66 -7.43 26.64
C GLN B 191 13.32 -8.16 26.49
N VAL B 192 12.27 -7.41 26.17
CA VAL B 192 10.95 -7.98 25.90
C VAL B 192 10.66 -7.89 24.41
N SER B 193 9.98 -8.90 23.88
CA SER B 193 9.60 -8.98 22.47
C SER B 193 8.20 -9.59 22.37
N TRP B 194 7.29 -8.90 21.69
CA TRP B 194 5.92 -9.37 21.57
C TRP B 194 5.53 -9.52 20.10
N LEU B 195 4.76 -10.58 19.82
CA LEU B 195 4.32 -10.93 18.47
C LEU B 195 2.79 -11.01 18.49
N THR B 196 2.15 -10.03 17.85
CA THR B 196 0.71 -10.03 17.65
C THR B 196 0.32 -10.85 16.43
N VAL B 197 -0.33 -11.99 16.66
CA VAL B 197 -0.67 -12.93 15.60
C VAL B 197 -2.20 -12.96 15.48
N LYS B 198 -2.69 -12.98 14.25
CA LYS B 198 -4.14 -12.92 14.03
C LYS B 198 -4.83 -14.15 14.59
N GLU B 199 -6.15 -14.03 14.75
CA GLU B 199 -6.96 -15.10 15.32
C GLU B 199 -7.00 -16.35 14.44
N ASP B 200 -6.48 -16.29 13.21
CA ASP B 200 -6.44 -17.47 12.36
C ASP B 200 -5.19 -18.31 12.64
N VAL B 201 -4.02 -17.68 12.60
CA VAL B 201 -2.75 -18.40 12.77
C VAL B 201 -2.52 -18.77 14.23
N LEU B 202 -3.50 -18.47 15.10
CA LEU B 202 -3.35 -18.79 16.52
C LEU B 202 -3.17 -20.29 16.73
N ARG B 203 -3.86 -21.11 15.95
CA ARG B 203 -3.78 -22.55 16.15
C ARG B 203 -2.46 -23.13 15.65
N LYS B 204 -1.81 -22.46 14.71
CA LYS B 204 -0.56 -22.97 14.15
C LYS B 204 0.51 -23.05 15.23
N ASN B 205 1.25 -24.17 15.23
CA ASN B 205 2.38 -24.34 16.13
C ASN B 205 3.53 -23.50 15.59
N LEU B 206 3.73 -22.34 16.17
CA LEU B 206 4.87 -21.50 15.83
C LEU B 206 6.03 -21.78 16.78
N THR B 207 7.20 -21.30 16.41
CA THR B 207 8.40 -21.61 17.18
C THR B 207 9.19 -20.32 17.39
N TYR B 208 9.61 -20.11 18.62
CA TYR B 208 10.34 -18.92 19.03
C TYR B 208 11.82 -19.26 19.15
N PHE B 209 12.67 -18.54 18.42
CA PHE B 209 14.10 -18.81 18.39
C PHE B 209 14.85 -17.64 19.02
N TYR B 210 15.92 -17.95 19.75
CA TYR B 210 16.77 -16.91 20.31
C TYR B 210 18.21 -17.39 20.42
N GLN B 211 19.15 -16.45 20.27
CA GLN B 211 20.58 -16.68 20.29
C GLN B 211 21.26 -15.71 21.25
N HIS B 212 22.23 -16.25 21.99
CA HIS B 212 23.00 -15.51 22.99
C HIS B 212 24.37 -16.18 23.07
N GLU B 213 25.37 -15.39 23.49
CA GLU B 213 26.75 -15.87 23.46
C GLU B 213 26.93 -17.17 24.24
N ASP B 214 26.21 -17.32 25.35
CA ASP B 214 26.41 -18.50 26.21
C ASP B 214 25.96 -19.78 25.51
N LEU B 215 24.92 -19.72 24.68
CA LEU B 215 24.43 -20.88 23.97
C LEU B 215 25.20 -21.16 22.67
N GLY B 216 26.38 -20.57 22.51
CA GLY B 216 27.21 -20.89 21.35
C GLY B 216 26.67 -20.28 20.06
N MET B 217 26.70 -21.08 19.00
CA MET B 217 26.30 -20.66 17.68
C MET B 217 24.91 -21.11 17.28
N GLU B 218 24.47 -22.28 17.77
CA GLU B 218 23.15 -22.75 17.40
C GLU B 218 22.09 -22.10 18.29
N PRO B 219 20.94 -21.75 17.72
CA PRO B 219 19.90 -21.07 18.50
C PRO B 219 19.15 -22.04 19.41
N LYS B 220 18.38 -21.46 20.32
CA LYS B 220 17.47 -22.21 21.17
C LYS B 220 16.03 -21.94 20.72
N ALA B 221 15.18 -22.95 20.88
CA ALA B 221 13.83 -22.90 20.35
C ALA B 221 12.81 -23.26 21.42
N PHE B 222 11.62 -22.66 21.28
CA PHE B 222 10.47 -22.97 22.12
C PHE B 222 9.24 -23.14 21.24
N SER B 223 8.56 -24.26 21.38
CA SER B 223 7.40 -24.56 20.55
C SER B 223 6.13 -24.01 21.20
N ILE B 224 5.04 -24.06 20.44
CA ILE B 224 3.75 -23.48 20.83
C ILE B 224 3.91 -22.03 21.26
N GLN C 8 -60.09 35.28 27.36
CA GLN C 8 -61.06 35.34 26.28
C GLN C 8 -60.98 34.09 25.40
N VAL C 9 -61.46 34.20 24.17
CA VAL C 9 -61.46 33.09 23.22
C VAL C 9 -60.33 33.31 22.22
N LYS C 10 -59.66 32.22 21.86
CA LYS C 10 -58.54 32.30 20.91
C LYS C 10 -58.53 31.02 20.08
N LEU C 11 -58.99 31.12 18.84
CA LEU C 11 -58.92 30.01 17.90
C LEU C 11 -57.59 30.06 17.17
N LEU C 12 -56.92 28.92 17.06
CA LEU C 12 -55.62 28.83 16.39
C LEU C 12 -55.65 27.69 15.37
N GLU C 13 -55.56 28.03 14.10
CA GLU C 13 -55.56 27.01 13.06
C GLU C 13 -54.15 26.80 12.50
N SER C 14 -53.89 25.57 12.08
CA SER C 14 -52.61 25.13 11.53
C SER C 14 -52.86 24.15 10.40
N GLY C 15 -51.80 23.81 9.66
CA GLY C 15 -51.85 22.78 8.62
C GLY C 15 -51.56 23.27 7.22
N GLY C 16 -51.79 24.56 6.94
CA GLY C 16 -51.57 25.08 5.60
C GLY C 16 -50.17 24.84 5.06
N LYS C 17 -50.06 24.47 3.78
CA LYS C 17 -48.77 24.20 3.15
C LYS C 17 -48.82 24.63 1.68
N VAL C 18 -47.75 24.33 0.95
CA VAL C 18 -47.66 24.57 -0.49
C VAL C 18 -47.69 23.23 -1.20
N THR C 19 -48.60 23.07 -2.16
CA THR C 19 -48.75 21.78 -2.80
C THR C 19 -49.19 21.99 -4.25
N HIS C 20 -49.20 20.89 -5.01
CA HIS C 20 -49.63 20.85 -6.41
C HIS C 20 -51.01 20.19 -6.51
N GLU C 21 -51.64 20.31 -7.68
CA GLU C 21 -53.01 19.83 -7.83
C GLU C 21 -53.07 18.32 -7.65
N GLY C 22 -54.05 17.86 -6.85
CA GLY C 22 -54.33 16.45 -6.71
C GLY C 22 -54.11 15.91 -5.31
N GLN C 23 -53.26 16.55 -4.52
CA GLN C 23 -52.83 16.01 -3.24
C GLN C 23 -53.87 16.33 -2.15
N SER C 24 -53.85 15.52 -1.09
CA SER C 24 -54.71 15.78 0.05
C SER C 24 -54.05 16.78 1.01
N VAL C 25 -54.86 17.32 1.92
CA VAL C 25 -54.37 18.15 3.01
C VAL C 25 -55.29 17.93 4.21
N THR C 26 -54.74 18.14 5.41
CA THR C 26 -55.56 18.19 6.62
C THR C 26 -55.26 19.50 7.35
N LEU C 27 -56.26 20.35 7.48
CA LEU C 27 -56.16 21.56 8.28
C LEU C 27 -56.72 21.26 9.66
N THR C 28 -56.04 21.76 10.68
CA THR C 28 -56.44 21.51 12.05
C THR C 28 -56.70 22.84 12.76
N CYS C 29 -57.52 22.79 13.80
CA CYS C 29 -57.87 23.99 14.55
C CYS C 29 -58.01 23.63 16.02
N LYS C 30 -57.33 24.39 16.87
CA LYS C 30 -57.34 24.21 18.31
C LYS C 30 -58.05 25.39 18.93
N ALA C 31 -58.78 25.11 20.01
CA ALA C 31 -59.71 26.07 20.59
C ALA C 31 -59.49 26.18 22.09
N SER C 32 -59.64 27.39 22.60
CA SER C 32 -59.58 27.66 24.02
C SER C 32 -60.56 28.77 24.37
N GLY C 33 -61.15 28.68 25.55
CA GLY C 33 -62.04 29.70 26.05
C GLY C 33 -63.50 29.31 26.12
N PHE C 34 -63.89 28.14 25.63
CA PHE C 34 -65.28 27.72 25.70
C PHE C 34 -65.39 26.20 25.75
N ASN C 35 -66.62 25.72 25.84
CA ASN C 35 -66.96 24.30 25.80
C ASN C 35 -66.98 23.85 24.34
N PHE C 36 -65.92 23.16 23.91
CA PHE C 36 -65.82 22.73 22.52
C PHE C 36 -66.88 21.68 22.16
N LYS C 37 -67.25 20.82 23.12
CA LYS C 37 -68.14 19.70 22.80
C LYS C 37 -69.53 20.15 22.36
N ASP C 38 -70.04 21.26 22.89
CA ASP C 38 -71.43 21.65 22.68
C ASP C 38 -71.59 22.73 21.62
N TYR C 39 -70.49 23.30 21.12
CA TYR C 39 -70.53 24.33 20.08
C TYR C 39 -70.36 23.72 18.71
N ALA C 40 -70.98 24.35 17.72
CA ALA C 40 -70.72 24.04 16.33
C ALA C 40 -69.39 24.65 15.92
N MET C 41 -68.81 24.15 14.84
CA MET C 41 -67.52 24.67 14.42
C MET C 41 -67.47 24.77 12.90
N SER C 42 -66.80 25.81 12.39
CA SER C 42 -66.77 26.01 10.96
C SER C 42 -65.36 26.38 10.50
N TRP C 43 -65.09 26.05 9.25
CA TRP C 43 -63.92 26.53 8.53
C TRP C 43 -64.40 27.51 7.46
N HIS C 44 -63.74 28.65 7.37
CA HIS C 44 -63.97 29.65 6.34
C HIS C 44 -62.68 29.86 5.57
N TRP C 45 -62.74 30.63 4.48
CA TRP C 45 -61.55 30.82 3.67
C TRP C 45 -61.61 32.16 2.94
N ASN C 46 -60.45 32.79 2.80
CA ASN C 46 -60.32 34.02 2.01
C ASN C 46 -59.39 33.78 0.83
N PRO C 47 -59.91 33.73 -0.40
CA PRO C 47 -59.05 33.66 -1.58
C PRO C 47 -58.24 34.92 -1.88
N SER C 48 -58.94 36.02 -2.20
CA SER C 48 -58.26 37.24 -2.64
C SER C 48 -58.56 38.50 -1.84
N GLY C 49 -59.84 38.87 -1.73
CA GLY C 49 -60.20 40.15 -1.15
C GLY C 49 -60.79 40.12 0.23
N SER C 50 -61.88 40.87 0.44
CA SER C 50 -62.65 40.78 1.68
C SER C 50 -63.69 39.69 1.49
N ASN C 51 -63.29 38.46 1.78
CA ASN C 51 -64.17 37.30 1.69
C ASN C 51 -63.87 36.37 2.85
N ARG C 52 -64.91 36.04 3.62
CA ARG C 52 -64.80 35.12 4.75
C ARG C 52 -65.71 33.94 4.44
N GLN C 53 -65.61 33.42 3.23
CA GLN C 53 -66.58 32.47 2.72
C GLN C 53 -66.56 31.16 3.49
N PHE C 54 -67.75 30.72 3.86
CA PHE C 54 -67.99 29.45 4.54
C PHE C 54 -67.58 28.24 3.69
N VAL C 55 -66.67 27.42 4.22
CA VAL C 55 -66.29 26.20 3.52
C VAL C 55 -66.78 24.94 4.22
N ALA C 56 -66.82 24.92 5.56
CA ALA C 56 -67.18 23.69 6.26
C ALA C 56 -67.87 23.99 7.58
N SER C 57 -68.87 23.17 7.95
CA SER C 57 -69.52 23.27 9.24
C SER C 57 -69.77 21.89 9.82
N ILE C 58 -69.61 21.78 11.14
CA ILE C 58 -69.85 20.55 11.87
C ILE C 58 -70.67 20.91 13.10
N SER C 59 -71.58 20.03 13.48
CA SER C 59 -72.65 20.09 14.49
C SER C 59 -72.20 19.55 15.84
N PRO C 60 -72.52 20.30 16.90
CA PRO C 60 -72.08 19.93 18.25
C PRO C 60 -72.48 18.54 18.71
N LYS C 61 -73.58 18.00 18.18
CA LYS C 61 -74.11 16.71 18.63
C LYS C 61 -73.07 15.61 18.78
N THR C 62 -72.50 15.16 17.65
CA THR C 62 -71.25 14.39 17.63
C THR C 62 -70.50 14.65 16.34
N GLY C 63 -70.68 15.83 15.76
CA GLY C 63 -70.36 16.02 14.37
C GLY C 63 -71.35 15.20 13.58
N SER C 64 -72.63 15.34 13.95
CA SER C 64 -73.70 14.59 13.31
C SER C 64 -74.06 15.17 11.94
N LYS C 65 -74.23 16.49 11.89
CA LYS C 65 -74.53 17.21 10.65
C LYS C 65 -73.30 18.00 10.22
N ARG C 66 -72.75 17.65 9.07
CA ARG C 66 -71.59 18.33 8.49
C ARG C 66 -71.97 18.87 7.12
N GLU C 67 -72.03 20.19 7.01
CA GLU C 67 -72.43 20.90 5.80
C GLU C 67 -71.20 21.57 5.19
N TYR C 68 -70.76 21.08 4.04
CA TYR C 68 -69.64 21.65 3.33
C TYR C 68 -70.11 22.56 2.20
N LYS C 69 -69.27 23.52 1.84
CA LYS C 69 -69.56 24.40 0.73
C LYS C 69 -69.59 23.57 -0.56
N PRO C 70 -70.17 24.11 -1.64
CA PRO C 70 -70.33 23.29 -2.86
C PRO C 70 -69.04 22.93 -3.55
N SER C 71 -68.15 23.92 -3.76
CA SER C 71 -66.94 23.69 -4.54
C SER C 71 -66.06 22.56 -3.99
N ILE C 72 -66.26 22.13 -2.75
CA ILE C 72 -65.42 21.09 -2.16
C ILE C 72 -66.27 19.93 -1.65
N GLN C 73 -67.54 19.90 -2.05
CA GLN C 73 -68.50 18.99 -1.43
C GLN C 73 -68.06 17.53 -1.50
N GLY C 74 -67.66 17.08 -2.69
CA GLY C 74 -67.29 15.69 -2.85
C GLY C 74 -66.03 15.28 -2.11
N ARG C 75 -65.13 16.24 -1.85
CA ARG C 75 -63.80 15.91 -1.35
C ARG C 75 -63.47 16.45 0.03
N ALA C 76 -64.43 17.05 0.73
CA ALA C 76 -64.19 17.62 2.04
C ALA C 76 -64.75 16.72 3.15
N LEU C 77 -63.97 16.55 4.21
CA LEU C 77 -64.43 15.89 5.43
C LEU C 77 -64.04 16.76 6.62
N ILE C 78 -65.03 17.38 7.24
CA ILE C 78 -64.81 18.08 8.50
C ILE C 78 -65.04 17.09 9.62
N THR C 79 -64.07 17.01 10.52
CA THR C 79 -64.05 16.03 11.59
C THR C 79 -63.68 16.77 12.87
N ARG C 80 -64.28 16.38 13.98
CA ARG C 80 -63.95 17.02 15.25
C ARG C 80 -63.42 16.00 16.24
N ASN C 81 -62.24 16.30 16.79
CA ASN C 81 -61.69 15.57 17.92
C ASN C 81 -62.30 16.29 19.11
N ASN C 82 -63.51 15.86 19.49
CA ASN C 82 -64.29 16.54 20.50
C ASN C 82 -63.61 16.48 21.87
N GLU C 83 -62.73 15.51 22.06
CA GLU C 83 -61.98 15.37 23.31
C GLU C 83 -60.71 16.21 23.31
N ALA C 84 -60.02 16.28 22.18
CA ALA C 84 -58.76 17.01 22.06
C ALA C 84 -58.95 18.47 21.67
N ASN C 85 -60.18 19.00 21.73
CA ASN C 85 -60.47 20.38 21.40
C ASN C 85 -60.07 20.71 19.95
N THR C 86 -60.23 19.75 19.05
CA THR C 86 -59.76 19.91 17.68
C THR C 86 -60.92 19.90 16.69
N VAL C 87 -60.85 20.78 15.69
CA VAL C 87 -61.73 20.73 14.53
C VAL C 87 -60.85 20.74 13.28
N SER C 88 -60.83 19.64 12.54
CA SER C 88 -60.03 19.44 11.34
C SER C 88 -60.91 19.44 10.09
N LEU C 89 -60.34 19.88 8.98
CA LEU C 89 -60.93 19.79 7.65
C LEU C 89 -59.94 19.11 6.72
N THR C 90 -60.23 17.87 6.32
CA THR C 90 -59.42 17.13 5.38
C THR C 90 -59.96 17.30 3.95
N LEU C 91 -59.11 17.80 3.06
CA LEU C 91 -59.46 18.07 1.67
C LEU C 91 -58.71 17.14 0.73
N ARG C 92 -59.45 16.26 0.05
CA ARG C 92 -58.85 15.33 -0.91
C ARG C 92 -58.87 15.94 -2.30
N GLN C 93 -57.92 15.51 -3.13
CA GLN C 93 -57.79 15.94 -4.53
C GLN C 93 -58.06 17.43 -4.71
N LEU C 94 -57.24 18.25 -4.06
CA LEU C 94 -57.40 19.70 -4.18
C LEU C 94 -56.76 20.21 -5.47
N ARG C 95 -57.13 21.44 -5.84
CA ARG C 95 -56.75 22.02 -7.13
C ARG C 95 -56.45 23.51 -6.97
N LYS C 96 -56.00 24.11 -8.09
CA LYS C 96 -55.45 25.47 -8.10
C LYS C 96 -56.31 26.48 -7.36
N GLU C 97 -57.64 26.36 -7.45
CA GLU C 97 -58.50 27.39 -6.89
C GLU C 97 -58.74 27.22 -5.40
N ASP C 98 -58.31 26.10 -4.81
CA ASP C 98 -58.37 25.95 -3.36
C ASP C 98 -57.35 26.81 -2.63
N SER C 99 -56.37 27.39 -3.35
CA SER C 99 -55.41 28.30 -2.75
C SER C 99 -56.09 29.45 -2.02
N GLY C 100 -55.65 29.71 -0.79
CA GLY C 100 -56.17 30.81 0.00
C GLY C 100 -55.86 30.59 1.46
N ILE C 101 -56.32 31.54 2.28
CA ILE C 101 -56.07 31.50 3.72
C ILE C 101 -57.33 30.97 4.40
N TYR C 102 -57.19 29.83 5.08
CA TYR C 102 -58.30 29.16 5.74
C TYR C 102 -58.34 29.53 7.22
N TYR C 103 -59.46 30.11 7.64
CA TYR C 103 -59.77 30.55 8.99
C TYR C 103 -60.66 29.52 9.70
N CYS C 104 -60.61 29.58 11.03
CA CYS C 104 -61.44 28.77 11.91
C CYS C 104 -62.43 29.69 12.62
N ALA C 105 -63.68 29.22 12.76
CA ALA C 105 -64.72 30.05 13.33
C ALA C 105 -65.56 29.24 14.31
N LYS C 106 -65.80 29.81 15.48
CA LYS C 106 -66.73 29.42 16.52
C LYS C 106 -67.92 30.36 16.55
N PRO C 107 -69.12 29.86 16.80
CA PRO C 107 -70.30 30.74 16.86
C PRO C 107 -70.41 31.40 18.23
N SER C 108 -71.49 32.15 18.42
CA SER C 108 -71.75 32.75 19.71
C SER C 108 -72.32 31.73 20.70
N GLY C 109 -73.39 31.05 20.30
CA GLY C 109 -74.01 30.04 21.14
C GLY C 109 -75.28 29.50 20.52
N LEU C 110 -75.46 28.18 20.59
CA LEU C 110 -76.62 27.54 19.99
C LEU C 110 -77.91 27.93 20.70
N PRO C 115 -84.63 25.43 16.33
CA PRO C 115 -85.07 24.43 15.35
C PRO C 115 -83.92 23.85 14.53
N LYS C 116 -84.24 23.34 13.33
CA LYS C 116 -83.24 22.72 12.47
C LYS C 116 -82.10 23.69 12.18
N TRP C 117 -80.89 23.36 12.62
CA TRP C 117 -79.76 24.26 12.51
C TRP C 117 -79.36 24.42 11.05
N GLU C 118 -78.99 25.65 10.68
CA GLU C 118 -78.44 25.94 9.37
C GLU C 118 -77.13 26.72 9.58
N PRO C 119 -76.01 26.25 9.05
CA PRO C 119 -74.73 26.93 9.32
C PRO C 119 -74.59 28.24 8.57
N LEU C 120 -75.26 28.38 7.42
CA LEU C 120 -75.11 29.59 6.62
C LEU C 120 -75.57 30.82 7.40
N ALA C 121 -76.63 30.67 8.18
CA ALA C 121 -77.10 31.75 9.06
C ALA C 121 -76.61 31.42 10.47
N GLU C 122 -75.49 32.02 10.86
CA GLU C 122 -74.93 31.87 12.19
C GLU C 122 -73.81 32.87 12.35
N GLN C 123 -73.79 33.59 13.46
CA GLN C 123 -72.75 34.59 13.68
C GLN C 123 -71.47 33.85 14.07
N TRP C 124 -70.41 34.07 13.31
CA TRP C 124 -69.15 33.39 13.52
C TRP C 124 -68.19 34.44 14.05
N GLU C 125 -67.83 34.31 15.32
CA GLU C 125 -66.85 35.16 15.97
C GLU C 125 -65.60 34.35 16.22
N ASN C 126 -64.63 35.01 16.84
CA ASN C 126 -63.39 34.36 17.27
C ASN C 126 -62.70 33.70 16.09
N PHE C 127 -62.42 34.50 15.07
CA PHE C 127 -61.65 33.99 13.95
C PHE C 127 -60.22 33.78 14.41
N GLY C 128 -59.48 32.99 13.66
CA GLY C 128 -58.09 32.75 14.00
C GLY C 128 -57.18 33.59 13.15
N PRO C 129 -55.88 33.25 13.13
CA PRO C 129 -54.96 33.99 12.26
C PRO C 129 -54.99 33.52 10.82
N GLY C 130 -55.49 32.31 10.57
CA GLY C 130 -55.60 31.76 9.24
C GLY C 130 -54.34 31.09 8.76
N THR C 131 -54.48 29.86 8.26
CA THR C 131 -53.39 29.19 7.59
C THR C 131 -53.41 29.55 6.12
N GLU C 132 -52.30 29.36 5.44
CA GLU C 132 -52.25 29.60 4.00
C GLU C 132 -52.01 28.28 3.30
N LEU C 133 -52.89 27.94 2.36
CA LEU C 133 -52.72 26.78 1.50
C LEU C 133 -52.47 27.30 0.09
N THR C 134 -51.33 26.94 -0.48
CA THR C 134 -50.95 27.37 -1.82
C THR C 134 -50.95 26.17 -2.75
N VAL C 135 -51.71 26.26 -3.84
CA VAL C 135 -51.83 25.17 -4.79
C VAL C 135 -51.30 25.63 -6.13
N LEU C 136 -50.36 24.86 -6.68
CA LEU C 136 -49.69 25.19 -7.92
C LEU C 136 -49.99 24.14 -8.98
N PRO C 137 -49.92 24.48 -10.26
CA PRO C 137 -50.04 23.46 -11.31
C PRO C 137 -48.98 22.38 -11.13
N LEU C 138 -49.20 21.25 -11.80
CA LEU C 138 -48.33 20.10 -11.62
C LEU C 138 -46.94 20.38 -12.19
N GLU C 139 -45.94 19.82 -11.53
CA GLU C 139 -44.54 20.10 -11.83
C GLU C 139 -44.11 19.33 -13.07
N LYS C 140 -43.88 20.03 -14.17
CA LYS C 140 -43.22 19.46 -15.34
C LYS C 140 -41.71 19.55 -15.15
N THR C 141 -41.23 18.78 -14.18
CA THR C 141 -39.82 18.83 -13.75
C THR C 141 -38.94 18.17 -14.81
N LEU C 142 -38.71 18.90 -15.89
CA LEU C 142 -37.80 18.44 -16.94
C LEU C 142 -36.39 18.92 -16.63
N LEU C 143 -35.43 18.01 -16.79
CA LEU C 143 -34.02 18.32 -16.65
C LEU C 143 -33.31 17.96 -17.96
N THR C 144 -32.72 18.96 -18.60
CA THR C 144 -32.00 18.75 -19.86
C THR C 144 -30.51 18.80 -19.61
N GLU C 145 -29.79 17.80 -20.12
CA GLU C 145 -28.38 17.56 -19.80
C GLU C 145 -27.53 18.16 -20.92
N SER C 146 -27.36 19.47 -20.85
CA SER C 146 -26.80 20.23 -21.96
C SER C 146 -25.28 20.15 -21.99
N GLY C 147 -24.73 20.27 -23.20
CA GLY C 147 -23.29 20.33 -23.42
C GLY C 147 -22.57 19.09 -22.95
N GLY C 148 -23.08 17.92 -23.31
CA GLY C 148 -22.49 16.68 -22.84
C GLY C 148 -21.26 16.24 -23.60
N GLY C 149 -21.33 16.26 -24.94
CA GLY C 149 -20.29 15.65 -25.74
C GLY C 149 -20.29 14.15 -25.56
N THR C 150 -19.49 13.44 -26.35
CA THR C 150 -19.42 11.99 -26.22
C THR C 150 -18.00 11.44 -26.20
N TYR C 151 -16.99 12.24 -26.51
CA TYR C 151 -15.62 11.76 -26.53
C TYR C 151 -14.68 12.78 -25.90
N GLN C 152 -13.69 12.25 -25.18
CA GLN C 152 -12.67 13.05 -24.54
C GLN C 152 -11.49 12.13 -24.25
N ALA C 153 -10.34 12.73 -23.95
CA ALA C 153 -9.13 11.94 -23.70
C ALA C 153 -8.26 12.69 -22.70
N GLY C 154 -8.40 12.37 -21.42
CA GLY C 154 -7.52 12.90 -20.40
C GLY C 154 -7.51 14.41 -20.30
N LYS C 155 -8.67 15.04 -20.38
CA LYS C 155 -8.81 16.49 -20.36
C LYS C 155 -9.79 16.88 -19.26
N THR C 156 -10.21 18.13 -19.27
CA THR C 156 -11.23 18.60 -18.35
C THR C 156 -12.55 18.75 -19.11
N LEU C 157 -13.64 18.40 -18.43
CA LEU C 157 -14.95 18.28 -19.06
C LEU C 157 -15.97 19.08 -18.26
N SER C 158 -16.86 19.76 -18.97
CA SER C 158 -17.90 20.59 -18.36
C SER C 158 -19.26 20.21 -18.93
N LEU C 159 -20.24 20.06 -18.05
CA LEU C 159 -21.61 19.76 -18.43
C LEU C 159 -22.56 20.72 -17.72
N LYS C 160 -23.74 20.94 -18.31
CA LYS C 160 -24.73 21.82 -17.73
C LYS C 160 -26.06 21.07 -17.63
N CYS C 161 -26.98 21.63 -16.84
CA CYS C 161 -28.29 21.03 -16.61
C CYS C 161 -29.30 22.15 -16.47
N GLN C 162 -30.30 22.14 -17.35
CA GLN C 162 -31.40 23.10 -17.29
C GLN C 162 -32.57 22.47 -16.54
N THR C 163 -33.03 23.15 -15.49
CA THR C 163 -34.12 22.72 -14.65
C THR C 163 -35.39 23.48 -15.05
N SER C 164 -36.51 22.76 -15.13
CA SER C 164 -37.71 23.32 -15.75
C SER C 164 -38.68 23.96 -14.76
N GLY C 165 -39.22 23.17 -13.83
CA GLY C 165 -40.38 23.62 -13.08
C GLY C 165 -40.16 24.01 -11.63
N PHE C 166 -38.93 23.88 -11.14
CA PHE C 166 -38.65 24.11 -9.73
C PHE C 166 -38.68 25.59 -9.37
N GLN C 167 -38.86 25.84 -8.07
CA GLN C 167 -38.32 27.03 -7.44
C GLN C 167 -36.84 26.80 -7.18
N PHE C 168 -35.99 27.60 -7.81
CA PHE C 168 -34.58 27.23 -7.95
C PHE C 168 -33.78 27.55 -6.69
N LYS C 169 -34.00 28.73 -6.12
CA LYS C 169 -33.25 29.12 -4.92
C LYS C 169 -33.53 28.21 -3.73
N THR C 170 -34.61 27.43 -3.76
CA THR C 170 -34.96 26.56 -2.65
C THR C 170 -34.65 25.09 -2.92
N SER C 171 -34.50 24.69 -4.18
CA SER C 171 -34.37 23.29 -4.52
C SER C 171 -32.92 22.81 -4.38
N GLN C 172 -32.70 21.54 -4.73
CA GLN C 172 -31.37 20.92 -4.65
C GLN C 172 -31.23 19.97 -5.83
N LEU C 173 -30.26 20.23 -6.69
CA LEU C 173 -29.97 19.37 -7.85
C LEU C 173 -28.54 18.88 -7.76
N ASP C 174 -28.37 17.57 -7.89
CA ASP C 174 -27.07 16.92 -7.84
C ASP C 174 -26.69 16.40 -9.21
N TRP C 175 -25.51 15.80 -9.29
CA TRP C 175 -25.09 15.04 -10.47
C TRP C 175 -24.76 13.61 -10.06
N TYR C 176 -25.08 12.67 -10.94
CA TYR C 176 -24.79 11.26 -10.71
C TYR C 176 -24.17 10.67 -11.96
N LEU C 177 -23.20 9.77 -11.75
CA LEU C 177 -22.52 9.05 -12.82
C LEU C 177 -23.09 7.63 -12.86
N TRP C 178 -23.77 7.31 -13.96
CA TRP C 178 -24.23 5.97 -14.26
C TRP C 178 -23.20 5.39 -15.23
N THR C 179 -22.31 4.54 -14.73
CA THR C 179 -21.40 3.86 -15.63
C THR C 179 -21.57 2.35 -15.47
N PRO C 180 -21.79 1.62 -16.57
CA PRO C 180 -22.11 0.19 -16.45
C PRO C 180 -21.04 -0.59 -15.70
N GLY C 181 -21.47 -1.32 -14.68
CA GLY C 181 -20.60 -2.08 -13.82
C GLY C 181 -20.37 -1.45 -12.46
N HIS C 182 -20.42 -0.13 -12.37
CA HIS C 182 -20.30 0.58 -11.11
C HIS C 182 -21.68 0.88 -10.57
N ALA C 183 -21.83 0.74 -9.25
CA ALA C 183 -23.00 1.27 -8.58
C ALA C 183 -23.13 2.77 -8.93
N PRO C 184 -24.33 3.22 -9.32
CA PRO C 184 -24.47 4.64 -9.73
C PRO C 184 -23.98 5.60 -8.65
N LEU C 185 -22.97 6.42 -8.98
CA LEU C 185 -22.27 7.19 -7.97
C LEU C 185 -22.78 8.62 -7.90
N TRP C 186 -22.88 9.15 -6.69
CA TRP C 186 -23.11 10.57 -6.50
C TRP C 186 -21.83 11.34 -6.79
N LEU C 187 -21.97 12.54 -7.36
CA LEU C 187 -20.82 13.31 -7.80
C LEU C 187 -20.66 14.61 -7.04
N THR C 188 -21.70 15.44 -7.00
CA THR C 188 -21.63 16.76 -6.40
C THR C 188 -23.06 17.28 -6.23
N GLY C 189 -23.30 17.97 -5.13
CA GLY C 189 -24.65 18.41 -4.80
C GLY C 189 -24.62 19.79 -4.19
N LEU C 190 -25.68 20.54 -4.45
CA LEU C 190 -25.81 21.93 -4.01
C LEU C 190 -26.90 21.99 -2.94
N ASN C 191 -26.52 22.44 -1.74
CA ASN C 191 -27.44 22.42 -0.62
C ASN C 191 -28.56 23.43 -0.82
N SER C 192 -29.55 23.36 0.08
CA SER C 192 -30.69 24.28 0.04
C SER C 192 -30.26 25.74 0.19
N SER C 193 -29.08 25.98 0.77
CA SER C 193 -28.61 27.32 1.07
C SER C 193 -28.37 28.16 -0.18
N SER C 194 -28.51 27.55 -1.35
CA SER C 194 -28.23 28.22 -2.62
C SER C 194 -26.81 28.79 -2.62
N THR C 195 -25.89 28.08 -1.96
CA THR C 195 -24.48 28.41 -1.96
C THR C 195 -23.71 27.34 -2.73
N ASP C 196 -22.57 27.72 -3.28
CA ASP C 196 -21.79 26.80 -4.12
C ASP C 196 -21.56 25.47 -3.39
N ALA C 197 -21.23 25.55 -2.10
CA ALA C 197 -21.05 24.37 -1.25
C ALA C 197 -20.05 23.37 -1.82
N GLY C 200 -11.07 20.82 -5.07
CA GLY C 200 -11.47 19.48 -5.45
C GLY C 200 -11.48 19.26 -6.95
N ARG C 201 -11.46 17.99 -7.36
CA ARG C 201 -11.44 17.68 -8.79
C ARG C 201 -12.81 17.87 -9.41
N ILE C 202 -13.81 17.13 -8.94
CA ILE C 202 -15.18 17.26 -9.42
C ILE C 202 -15.86 18.36 -8.61
N THR C 203 -16.51 19.30 -9.32
CA THR C 203 -17.04 20.50 -8.68
C THR C 203 -18.23 21.02 -9.45
N SER C 204 -19.26 21.44 -8.73
CA SER C 204 -20.49 21.95 -9.33
C SER C 204 -20.68 23.43 -8.99
N SER C 205 -21.66 24.03 -9.66
CA SER C 205 -21.92 25.45 -9.47
C SER C 205 -23.37 25.76 -9.81
N ARG C 206 -23.87 26.83 -9.19
CA ARG C 206 -25.26 27.29 -9.33
C ARG C 206 -25.25 28.59 -10.12
N GLU C 207 -25.98 28.61 -11.25
CA GLU C 207 -26.22 29.88 -11.91
C GLU C 207 -27.06 30.80 -11.03
N ASP C 208 -28.06 30.23 -10.34
CA ASP C 208 -28.78 30.86 -9.24
C ASP C 208 -29.68 31.99 -9.71
N ASN C 209 -29.60 32.32 -10.98
CA ASN C 209 -30.52 33.23 -11.67
C ASN C 209 -30.94 32.68 -13.01
N LYS C 210 -30.04 32.04 -13.75
CA LYS C 210 -30.36 31.34 -14.98
C LYS C 210 -30.99 29.97 -14.73
N ASN C 211 -31.16 29.57 -13.47
CA ASN C 211 -31.83 28.33 -13.11
C ASN C 211 -31.11 27.12 -13.69
N GLN C 212 -29.79 27.18 -13.78
CA GLN C 212 -29.00 26.20 -14.49
C GLN C 212 -27.85 25.76 -13.60
N ILE C 213 -27.56 24.45 -13.59
CA ILE C 213 -26.55 23.91 -12.71
C ILE C 213 -25.42 23.33 -13.54
N PHE C 214 -24.19 23.41 -13.02
CA PHE C 214 -23.02 23.05 -13.81
C PHE C 214 -22.16 22.03 -13.06
N LEU C 215 -21.60 21.10 -13.83
CA LEU C 215 -20.68 20.08 -13.32
C LEU C 215 -19.35 20.17 -14.07
N GLN C 216 -18.25 19.97 -13.34
CA GLN C 216 -16.90 20.14 -13.85
C GLN C 216 -16.05 18.99 -13.35
N ILE C 217 -15.44 18.24 -14.27
CA ILE C 217 -14.56 17.13 -13.96
C ILE C 217 -13.18 17.44 -14.52
N GLU C 218 -12.20 17.60 -13.65
CA GLU C 218 -10.82 17.83 -14.09
C GLU C 218 -10.10 16.51 -14.25
N ASP C 219 -9.12 16.51 -15.16
CA ASP C 219 -8.25 15.35 -15.39
C ASP C 219 -9.07 14.08 -15.64
N LEU C 220 -9.80 14.12 -16.75
CA LEU C 220 -10.65 12.99 -17.14
C LEU C 220 -9.85 11.70 -17.17
N GLY C 221 -10.40 10.66 -16.55
CA GLY C 221 -9.82 9.34 -16.57
C GLY C 221 -10.67 8.37 -17.39
N LEU C 222 -10.12 7.17 -17.57
CA LEU C 222 -10.87 6.10 -18.21
C LEU C 222 -11.98 5.57 -17.31
N ARG C 223 -11.97 5.92 -16.03
CA ARG C 223 -13.02 5.54 -15.10
C ARG C 223 -14.10 6.61 -14.97
N ASP C 224 -13.94 7.75 -15.65
CA ASP C 224 -14.97 8.78 -15.70
C ASP C 224 -15.94 8.60 -16.86
N SER C 225 -15.74 7.57 -17.67
CA SER C 225 -16.67 7.29 -18.77
C SER C 225 -18.02 6.89 -18.24
N GLY C 226 -19.06 7.16 -19.02
CA GLY C 226 -20.41 6.79 -18.63
C GLY C 226 -21.44 7.87 -18.90
N GLN C 227 -22.68 7.63 -18.49
CA GLN C 227 -23.74 8.61 -18.67
C GLN C 227 -23.83 9.49 -17.42
N TYR C 228 -23.81 10.80 -17.63
CA TYR C 228 -23.88 11.76 -16.54
C TYR C 228 -25.30 12.32 -16.49
N HIS C 229 -25.99 12.07 -15.39
CA HIS C 229 -27.34 12.58 -15.18
C HIS C 229 -27.31 13.71 -14.17
N CYS C 230 -28.14 14.72 -14.39
CA CYS C 230 -28.41 15.74 -13.40
C CYS C 230 -29.74 15.38 -12.72
N ALA C 231 -29.74 15.40 -11.39
CA ALA C 231 -30.80 14.82 -10.57
C ALA C 231 -31.48 15.91 -9.77
N ARG C 232 -32.74 16.17 -10.08
CA ARG C 232 -33.56 17.05 -9.26
C ARG C 232 -34.18 16.23 -8.15
N ARG C 233 -33.92 16.60 -6.90
CA ARG C 233 -34.54 15.93 -5.77
C ARG C 233 -35.97 16.43 -5.60
N VAL C 234 -36.91 15.50 -5.59
CA VAL C 234 -38.34 15.80 -5.44
C VAL C 234 -38.90 14.93 -4.33
N GLY C 235 -39.65 15.52 -3.42
CA GLY C 235 -40.24 14.76 -2.34
C GLY C 235 -40.75 15.68 -1.25
N ASN C 236 -40.98 15.08 -0.09
CA ASN C 236 -41.53 15.79 1.06
C ASN C 236 -40.44 16.45 1.90
N GLY C 237 -39.34 15.74 2.17
CA GLY C 237 -38.26 16.31 2.94
C GLY C 237 -37.60 15.32 3.88
N ASP C 238 -38.33 14.32 4.34
CA ASP C 238 -37.73 13.25 5.11
C ASP C 238 -37.13 12.22 4.16
N ASP C 239 -36.63 11.12 4.72
CA ASP C 239 -35.85 10.18 3.91
C ASP C 239 -36.75 9.29 3.06
N THR C 240 -37.64 9.92 2.28
CA THR C 240 -38.49 9.20 1.34
C THR C 240 -38.47 9.82 -0.05
N ASP C 241 -37.74 10.91 -0.25
CA ASP C 241 -37.76 11.62 -1.51
C ASP C 241 -37.02 10.85 -2.60
N LYS C 242 -37.30 11.19 -3.84
CA LYS C 242 -36.66 10.60 -5.00
C LYS C 242 -35.78 11.63 -5.71
N LEU C 243 -34.95 11.12 -6.61
CA LEU C 243 -34.20 11.94 -7.54
C LEU C 243 -34.69 11.61 -8.94
N VAL C 244 -35.26 12.62 -9.62
CA VAL C 244 -35.66 12.48 -11.02
C VAL C 244 -34.52 13.00 -11.88
N PHE C 245 -34.10 12.20 -12.85
CA PHE C 245 -33.01 12.56 -13.74
C PHE C 245 -33.53 12.84 -15.14
N GLY C 246 -32.79 13.65 -15.88
CA GLY C 246 -32.95 13.68 -17.32
C GLY C 246 -32.35 12.42 -17.91
N LEU C 247 -32.31 12.39 -19.25
CA LEU C 247 -31.72 11.25 -19.93
C LEU C 247 -30.22 11.12 -19.68
N GLY C 248 -29.58 12.13 -19.12
CA GLY C 248 -28.14 12.12 -18.98
C GLY C 248 -27.47 12.31 -20.33
N THR C 249 -26.15 12.42 -20.31
CA THR C 249 -25.37 12.49 -21.54
C THR C 249 -24.14 11.61 -21.41
N ARG C 250 -23.82 10.89 -22.47
CA ARG C 250 -22.79 9.86 -22.43
C ARG C 250 -21.44 10.45 -22.81
N VAL C 251 -20.41 10.14 -22.01
CA VAL C 251 -19.05 10.59 -22.26
C VAL C 251 -18.15 9.36 -22.30
N ILE C 252 -17.57 9.10 -23.47
CA ILE C 252 -16.54 8.08 -23.63
C ILE C 252 -15.18 8.74 -23.52
N VAL C 253 -14.27 8.10 -22.82
CA VAL C 253 -12.91 8.62 -22.62
C VAL C 253 -11.93 7.64 -23.22
N GLU C 254 -11.32 8.02 -24.35
CA GLU C 254 -10.24 7.23 -24.92
C GLU C 254 -8.93 7.57 -24.22
N PRO C 255 -7.99 6.63 -24.17
CA PRO C 255 -6.71 6.88 -23.50
C PRO C 255 -5.90 7.96 -24.23
N ARG C 256 -4.91 8.48 -23.53
CA ARG C 256 -3.96 9.38 -24.16
C ARG C 256 -3.23 8.66 -25.29
N PRO C 257 -2.93 9.34 -26.39
CA PRO C 257 -2.10 8.71 -27.42
C PRO C 257 -0.69 8.47 -26.91
N ALA C 258 -0.12 7.34 -27.31
CA ALA C 258 1.24 6.99 -26.94
C ALA C 258 2.13 7.06 -28.17
N ALA C 259 3.44 7.15 -27.92
CA ALA C 259 4.38 6.99 -29.01
C ALA C 259 4.24 5.59 -29.59
N PRO C 260 4.34 5.42 -30.91
CA PRO C 260 4.19 4.09 -31.51
C PRO C 260 5.13 3.08 -30.87
N LEU C 261 4.56 2.11 -30.16
CA LEU C 261 5.33 1.12 -29.41
C LEU C 261 4.95 -0.27 -29.90
N SER C 262 5.89 -0.94 -30.55
CA SER C 262 5.66 -2.32 -30.95
C SER C 262 5.43 -3.20 -29.71
N PRO C 263 4.59 -4.22 -29.82
CA PRO C 263 4.15 -4.96 -28.63
C PRO C 263 5.09 -6.06 -28.19
N SER C 264 5.13 -6.24 -26.87
CA SER C 264 5.71 -7.44 -26.27
C SER C 264 4.69 -8.57 -26.37
N VAL C 265 5.13 -9.74 -26.84
CA VAL C 265 4.25 -10.86 -27.13
C VAL C 265 4.79 -12.10 -26.42
N PHE C 266 3.88 -12.84 -25.77
CA PHE C 266 4.22 -14.05 -25.05
C PHE C 266 3.13 -15.08 -25.31
N LEU C 267 3.25 -16.24 -24.67
CA LEU C 267 2.34 -17.34 -24.95
C LEU C 267 2.31 -18.29 -23.77
N VAL C 268 1.10 -18.65 -23.33
CA VAL C 268 0.91 -19.53 -22.17
C VAL C 268 -0.32 -20.38 -22.42
N ARG C 269 -0.22 -21.68 -22.13
CA ARG C 269 -1.24 -22.65 -22.49
C ARG C 269 -1.80 -23.35 -21.25
N ASP C 270 -2.94 -24.01 -21.44
CA ASP C 270 -3.66 -24.72 -20.40
C ASP C 270 -3.78 -26.20 -20.78
N GLN C 271 -4.61 -26.92 -20.02
CA GLN C 271 -4.84 -28.35 -20.28
C GLN C 271 -5.27 -28.59 -21.71
N ASP C 272 -6.21 -27.78 -22.21
CA ASP C 272 -6.63 -27.88 -23.61
C ASP C 272 -6.80 -26.51 -24.26
N ALA C 273 -6.29 -25.45 -23.63
CA ALA C 273 -6.44 -24.10 -24.14
C ALA C 273 -5.11 -23.37 -24.08
N VAL C 274 -5.09 -22.16 -24.65
CA VAL C 274 -3.88 -21.33 -24.70
C VAL C 274 -4.30 -19.88 -24.85
N ALA C 275 -3.40 -18.97 -24.48
CA ALA C 275 -3.64 -17.54 -24.57
C ALA C 275 -2.38 -16.83 -25.03
N CYS C 276 -2.53 -15.96 -26.02
CA CYS C 276 -1.39 -15.25 -26.61
C CYS C 276 -1.38 -13.82 -26.06
N LEU C 277 -0.75 -13.66 -24.90
CA LEU C 277 -0.65 -12.35 -24.27
C LEU C 277 0.11 -11.37 -25.16
N ILE C 278 -0.43 -10.17 -25.31
CA ILE C 278 0.15 -9.10 -26.12
C ILE C 278 0.26 -7.88 -25.22
N ARG C 279 1.49 -7.40 -25.02
CA ARG C 279 1.79 -6.37 -24.03
C ARG C 279 2.12 -5.05 -24.69
N ASN C 280 1.40 -4.00 -24.27
CA ASN C 280 1.86 -2.61 -24.38
C ASN C 280 2.18 -2.22 -25.83
N PHE C 281 1.13 -2.19 -26.64
CA PHE C 281 1.22 -1.75 -28.03
C PHE C 281 0.45 -0.45 -28.23
N TYR C 282 0.79 0.25 -29.31
CA TYR C 282 0.02 1.41 -29.73
C TYR C 282 0.27 1.63 -31.21
N PRO C 283 -0.77 1.92 -32.02
CA PRO C 283 -2.15 2.20 -31.62
C PRO C 283 -2.96 0.96 -31.23
N LYS C 284 -4.22 1.18 -30.85
CA LYS C 284 -5.10 0.07 -30.53
C LYS C 284 -5.26 -0.89 -31.70
N GLU C 285 -5.15 -0.38 -32.92
CA GLU C 285 -5.28 -1.21 -34.11
C GLU C 285 -4.20 -2.28 -34.15
N LEU C 286 -4.62 -3.53 -34.38
CA LEU C 286 -3.73 -4.66 -34.55
C LEU C 286 -4.55 -5.87 -35.01
N HIS C 287 -3.84 -6.91 -35.44
CA HIS C 287 -4.50 -8.14 -35.90
C HIS C 287 -3.81 -9.35 -35.29
N VAL C 288 -4.59 -10.42 -35.07
CA VAL C 288 -4.07 -11.67 -34.50
C VAL C 288 -4.78 -12.83 -35.16
N SER C 289 -4.07 -13.95 -35.29
CA SER C 289 -4.69 -15.21 -35.68
C SER C 289 -3.82 -16.37 -35.22
N LEU C 290 -4.29 -17.59 -35.50
CA LEU C 290 -3.60 -18.82 -35.12
C LEU C 290 -4.26 -19.99 -35.86
N THR C 291 -3.45 -20.97 -36.24
CA THR C 291 -3.91 -22.10 -37.04
C THR C 291 -3.14 -23.35 -36.57
N SER C 292 -3.25 -24.42 -37.34
CA SER C 292 -2.56 -25.67 -37.02
C SER C 292 -1.62 -26.09 -38.15
N THR C 295 -5.46 -29.50 -33.82
CA THR C 295 -5.85 -30.21 -35.03
C THR C 295 -6.91 -29.42 -35.79
N LEU C 296 -7.65 -28.58 -35.07
CA LEU C 296 -8.65 -27.71 -35.66
C LEU C 296 -8.99 -26.61 -34.65
N ILE C 297 -8.88 -25.36 -35.08
CA ILE C 297 -9.06 -24.23 -34.17
C ILE C 297 -10.52 -24.15 -33.74
N SER C 298 -10.76 -24.19 -32.43
CA SER C 298 -12.12 -24.29 -31.89
C SER C 298 -12.65 -22.94 -31.38
N ALA C 299 -11.96 -22.32 -30.42
CA ALA C 299 -12.41 -21.09 -29.80
C ALA C 299 -11.42 -19.98 -30.08
N GLN C 300 -11.95 -18.77 -30.24
CA GLN C 300 -11.11 -17.60 -30.51
C GLN C 300 -11.74 -16.40 -29.81
N SER C 301 -11.11 -15.97 -28.71
CA SER C 301 -11.57 -14.79 -27.96
C SER C 301 -10.42 -13.79 -27.90
N LEU C 302 -10.49 -12.76 -28.73
CA LEU C 302 -9.53 -11.66 -28.71
C LEU C 302 -10.11 -10.54 -27.85
N SER C 303 -9.59 -10.39 -26.65
CA SER C 303 -10.04 -9.34 -25.74
C SER C 303 -8.91 -8.33 -25.57
N LEU C 304 -9.17 -7.10 -25.98
CA LEU C 304 -8.16 -6.05 -26.05
C LEU C 304 -8.55 -4.94 -25.09
N ALA C 305 -7.74 -4.73 -24.06
CA ALA C 305 -8.00 -3.73 -23.04
C ALA C 305 -6.87 -2.71 -23.03
N PRO C 306 -6.99 -1.61 -22.30
CA PRO C 306 -5.85 -0.67 -22.18
C PRO C 306 -4.94 -1.01 -21.01
N THR C 307 -3.64 -0.82 -21.21
CA THR C 307 -2.64 -1.05 -20.18
C THR C 307 -2.30 0.25 -19.48
N ALA C 308 -1.47 0.17 -18.43
CA ALA C 308 -1.10 1.37 -17.68
C ALA C 308 0.05 2.12 -18.31
N SER C 309 -0.09 2.45 -19.60
CA SER C 309 0.91 3.24 -20.30
C SER C 309 0.33 4.20 -21.33
N GLY C 310 -0.98 4.35 -21.39
CA GLY C 310 -1.61 4.89 -22.57
C GLY C 310 -1.69 3.92 -23.72
N THR C 311 -0.85 2.88 -23.73
CA THR C 311 -0.90 1.80 -24.69
C THR C 311 -1.99 0.81 -24.30
N TYR C 312 -2.18 -0.22 -25.11
CA TYR C 312 -3.15 -1.27 -24.84
C TYR C 312 -2.46 -2.62 -24.72
N SER C 313 -3.12 -3.54 -24.03
CA SER C 313 -2.75 -4.94 -24.03
C SER C 313 -3.90 -5.75 -24.62
N ALA C 314 -3.64 -7.03 -24.86
CA ALA C 314 -4.66 -7.89 -25.41
C ALA C 314 -4.33 -9.33 -25.06
N ILE C 315 -5.36 -10.17 -25.11
CA ILE C 315 -5.19 -11.61 -24.94
C ILE C 315 -6.12 -12.31 -25.93
N HIS C 316 -5.55 -13.13 -26.79
CA HIS C 316 -6.29 -13.94 -27.74
C HIS C 316 -6.22 -15.38 -27.24
N ILE C 317 -7.35 -15.90 -26.77
CA ILE C 317 -7.42 -17.24 -26.21
C ILE C 317 -8.07 -18.21 -27.19
N GLY C 318 -7.50 -19.40 -27.27
CA GLY C 318 -8.01 -20.45 -28.14
C GLY C 318 -7.98 -21.79 -27.43
N ARG C 319 -8.54 -22.78 -28.10
CA ARG C 319 -8.73 -24.12 -27.53
C ARG C 319 -8.44 -25.15 -28.60
N VAL C 320 -7.30 -25.85 -28.47
CA VAL C 320 -6.90 -26.90 -29.39
C VAL C 320 -6.39 -28.08 -28.57
N GLY C 321 -6.23 -29.21 -29.26
CA GLY C 321 -5.92 -30.47 -28.59
C GLY C 321 -4.50 -30.54 -28.04
N GLU C 322 -4.26 -31.62 -27.30
CA GLU C 322 -2.95 -31.85 -26.72
C GLU C 322 -1.90 -32.17 -27.78
N ASN C 323 -2.29 -32.86 -28.85
CA ASN C 323 -1.39 -33.04 -29.98
C ASN C 323 -1.24 -31.70 -30.67
N ASP C 324 -0.21 -30.96 -30.29
CA ASP C 324 -0.16 -29.52 -30.51
C ASP C 324 0.40 -29.18 -31.89
N ALA C 325 -0.31 -28.32 -32.60
CA ALA C 325 0.19 -27.63 -33.79
C ALA C 325 -0.41 -26.23 -33.72
N ILE C 326 0.33 -25.29 -33.14
CA ILE C 326 -0.20 -23.95 -32.91
C ILE C 326 0.81 -22.91 -33.40
N THR C 327 0.29 -21.74 -33.75
CA THR C 327 1.13 -20.65 -34.23
C THR C 327 0.38 -19.34 -34.00
N CYS C 328 0.75 -18.60 -32.95
CA CYS C 328 0.18 -17.28 -32.73
C CYS C 328 0.86 -16.27 -33.64
N SER C 329 0.08 -15.58 -34.45
CA SER C 329 0.58 -14.56 -35.37
C SER C 329 -0.04 -13.23 -35.00
N VAL C 330 0.82 -12.23 -34.80
CA VAL C 330 0.41 -10.90 -34.33
C VAL C 330 0.98 -9.88 -35.31
N LYS C 331 0.10 -9.05 -35.87
CA LYS C 331 0.48 -8.06 -36.88
C LYS C 331 0.17 -6.67 -36.35
N HIS C 332 1.19 -5.79 -36.41
CA HIS C 332 1.09 -4.41 -35.90
C HIS C 332 2.01 -3.53 -36.75
N LEU C 333 1.43 -2.89 -37.78
CA LEU C 333 2.07 -1.89 -38.63
C LEU C 333 3.49 -2.28 -39.06
N GLY C 334 3.58 -3.34 -39.85
CA GLY C 334 4.85 -3.71 -40.44
C GLY C 334 5.86 -4.29 -39.49
N LYS C 335 5.44 -4.67 -38.28
CA LYS C 335 6.25 -5.41 -37.32
C LYS C 335 5.41 -6.59 -36.87
N GLU C 336 5.78 -7.79 -37.30
CA GLU C 336 4.89 -8.95 -37.23
C GLU C 336 5.60 -10.11 -36.54
N ILE C 337 4.94 -10.69 -35.54
CA ILE C 337 5.51 -11.72 -34.69
C ILE C 337 4.81 -13.04 -34.98
N HIS C 338 5.59 -14.14 -34.99
CA HIS C 338 5.09 -15.48 -35.29
C HIS C 338 5.69 -16.43 -34.26
N MET C 339 4.96 -16.69 -33.18
CA MET C 339 5.42 -17.59 -32.13
C MET C 339 4.73 -18.94 -32.29
N SER C 340 5.51 -19.97 -32.57
CA SER C 340 4.99 -21.26 -33.02
C SER C 340 5.28 -22.36 -32.00
N HIS C 341 4.54 -23.46 -32.14
CA HIS C 341 4.78 -24.68 -31.39
C HIS C 341 4.32 -25.83 -32.27
N GLN C 342 5.27 -26.61 -32.78
CA GLN C 342 4.96 -27.79 -33.56
C GLN C 342 4.72 -28.97 -32.64
N ALA C 343 4.51 -30.15 -33.23
CA ALA C 343 4.27 -31.36 -32.47
C ALA C 343 5.56 -31.86 -31.83
N CYS D 5 -20.03 5.18 5.27
CA CYS D 5 -20.28 3.77 5.51
C CYS D 5 -21.77 3.45 5.40
N ALA D 6 -22.19 3.07 4.20
CA ALA D 6 -23.47 2.38 4.01
C ALA D 6 -23.41 1.72 2.64
N HIS D 7 -23.47 0.38 2.61
CA HIS D 7 -23.34 -0.35 1.37
C HIS D 7 -24.51 -1.29 1.18
N MET D 8 -24.78 -1.63 -0.09
CA MET D 8 -25.90 -2.47 -0.46
C MET D 8 -25.45 -3.46 -1.51
N LYS D 9 -25.47 -4.74 -1.16
CA LYS D 9 -25.07 -5.82 -2.05
C LYS D 9 -26.29 -6.37 -2.79
N GLN D 10 -26.22 -6.36 -4.12
CA GLN D 10 -27.25 -6.93 -4.98
C GLN D 10 -26.63 -7.99 -5.88
N GLN D 11 -27.40 -9.04 -6.17
CA GLN D 11 -26.97 -10.06 -7.11
C GLN D 11 -26.68 -9.45 -8.47
N VAL D 12 -25.77 -10.09 -9.20
CA VAL D 12 -25.29 -9.53 -10.46
C VAL D 12 -26.40 -9.50 -11.50
N SER D 13 -27.34 -10.45 -11.43
CA SER D 13 -28.46 -10.48 -12.35
C SER D 13 -29.54 -11.38 -11.79
N PHE D 14 -30.72 -11.32 -12.40
CA PHE D 14 -31.81 -12.25 -12.13
C PHE D 14 -32.44 -12.65 -13.45
N THR D 15 -32.54 -13.96 -13.67
CA THR D 15 -33.22 -14.50 -14.84
C THR D 15 -34.46 -15.27 -14.44
N GLY D 16 -35.55 -15.02 -15.13
CA GLY D 16 -36.76 -15.81 -14.97
C GLY D 16 -37.43 -15.99 -16.31
N ILE D 17 -38.07 -17.15 -16.47
CA ILE D 17 -38.85 -17.38 -17.68
C ILE D 17 -40.01 -16.39 -17.70
N GLN D 18 -40.29 -15.84 -18.88
CA GLN D 18 -41.36 -14.87 -19.03
C GLN D 18 -42.67 -15.41 -18.45
N GLY D 19 -43.37 -14.56 -17.70
CA GLY D 19 -44.59 -14.95 -17.04
C GLY D 19 -44.44 -15.41 -15.61
N ASP D 20 -43.22 -15.56 -15.11
CA ASP D 20 -42.99 -15.93 -13.72
C ASP D 20 -42.76 -14.67 -12.90
N SER D 21 -42.39 -14.84 -11.63
CA SER D 21 -42.10 -13.72 -10.77
C SER D 21 -40.61 -13.41 -10.77
N ALA D 22 -40.25 -12.28 -10.17
CA ALA D 22 -38.85 -11.87 -10.07
C ALA D 22 -38.60 -11.28 -8.69
N ARG D 23 -37.86 -12.02 -7.86
CA ARG D 23 -37.38 -11.51 -6.58
C ARG D 23 -35.97 -10.98 -6.80
N ILE D 24 -35.86 -9.65 -6.86
CA ILE D 24 -34.58 -8.97 -6.95
C ILE D 24 -34.19 -8.57 -5.53
N THR D 25 -33.15 -9.20 -5.01
CA THR D 25 -32.76 -9.01 -3.62
C THR D 25 -31.72 -7.90 -3.47
N CYS D 26 -31.66 -7.34 -2.26
CA CYS D 26 -30.75 -6.26 -1.93
C CYS D 26 -30.50 -6.26 -0.44
N GLN D 27 -29.23 -6.27 -0.03
CA GLN D 27 -28.89 -6.33 1.39
C GLN D 27 -28.15 -5.08 1.81
N VAL D 28 -28.43 -4.61 3.02
CA VAL D 28 -28.04 -3.30 3.52
C VAL D 28 -27.01 -3.46 4.62
N SER D 29 -26.19 -2.44 4.82
CA SER D 29 -25.16 -2.46 5.85
C SER D 29 -25.20 -1.21 6.73
N ASN D 30 -25.78 -1.35 7.93
CA ASN D 30 -25.64 -0.38 9.01
C ASN D 30 -26.02 1.04 8.60
N ALA D 31 -27.18 1.16 7.96
CA ALA D 31 -27.67 2.46 7.53
C ALA D 31 -28.25 3.23 8.71
N VAL D 32 -28.39 4.55 8.56
CA VAL D 32 -29.01 5.36 9.61
C VAL D 32 -30.40 5.82 9.22
N SER D 33 -30.76 5.78 7.94
CA SER D 33 -32.13 6.00 7.53
C SER D 33 -32.90 4.69 7.68
N TYR D 34 -34.22 4.77 7.57
CA TYR D 34 -35.05 3.57 7.68
C TYR D 34 -35.78 3.21 6.39
N TRP D 35 -35.73 4.06 5.38
CA TRP D 35 -36.57 3.92 4.19
C TRP D 35 -35.69 3.55 3.00
N ILE D 36 -36.03 2.43 2.35
CA ILE D 36 -35.29 1.90 1.21
C ILE D 36 -36.03 2.27 -0.07
N HIS D 37 -35.32 2.82 -1.05
CA HIS D 37 -35.92 3.10 -2.33
C HIS D 37 -35.55 2.02 -3.34
N TRP D 38 -36.41 1.85 -4.34
CA TRP D 38 -36.15 0.97 -5.48
C TRP D 38 -36.33 1.79 -6.75
N TYR D 39 -35.25 1.88 -7.51
CA TYR D 39 -35.11 2.63 -8.75
C TYR D 39 -34.93 1.69 -9.93
N ARG D 40 -35.42 2.11 -11.09
CA ARG D 40 -35.21 1.40 -12.35
C ARG D 40 -34.47 2.28 -13.34
N PHE D 41 -33.54 1.68 -14.08
CA PHE D 41 -32.89 2.29 -15.23
C PHE D 41 -33.15 1.39 -16.43
N GLN D 42 -33.90 1.89 -17.40
CA GLN D 42 -34.18 1.18 -18.64
C GLN D 42 -33.56 1.92 -19.81
N ASP D 43 -32.89 1.19 -20.69
CA ASP D 43 -32.12 1.77 -21.79
C ASP D 43 -33.00 2.70 -22.63
N GLY D 44 -32.68 3.99 -22.62
CA GLY D 44 -33.46 4.99 -23.32
C GLY D 44 -34.27 5.86 -22.37
N LYS D 45 -34.81 5.25 -21.28
CA LYS D 45 -35.52 6.16 -20.40
C LYS D 45 -34.63 6.62 -19.26
N PRO D 46 -34.84 7.83 -18.76
CA PRO D 46 -34.19 8.28 -17.53
C PRO D 46 -34.36 7.26 -16.42
N PRO D 47 -33.42 7.21 -15.47
CA PRO D 47 -33.59 6.31 -14.33
C PRO D 47 -34.71 6.83 -13.45
N GLN D 48 -35.60 5.93 -13.04
CA GLN D 48 -36.77 6.29 -12.27
C GLN D 48 -36.79 5.49 -10.99
N ARG D 49 -37.36 6.07 -9.93
CA ARG D 49 -37.71 5.27 -8.78
C ARG D 49 -39.03 4.57 -9.05
N LEU D 50 -39.05 3.26 -8.89
CA LEU D 50 -40.33 2.56 -8.89
C LEU D 50 -41.09 2.88 -7.62
N LEU D 51 -40.45 2.75 -6.47
CA LEU D 51 -41.20 2.80 -5.22
C LEU D 51 -40.21 2.93 -4.06
N CYS D 52 -40.76 3.03 -2.85
CA CYS D 52 -39.92 2.97 -1.66
C CYS D 52 -40.69 2.34 -0.51
N LEU D 53 -40.01 1.51 0.26
CA LEU D 53 -40.59 0.76 1.36
C LEU D 53 -39.92 1.21 2.65
N SER D 54 -40.65 1.14 3.75
CA SER D 54 -40.08 1.46 5.05
C SER D 54 -39.59 0.19 5.73
N ARG D 55 -38.29 0.15 6.03
CA ARG D 55 -37.76 -0.94 6.83
C ARG D 55 -38.27 -0.88 8.27
N GLU D 56 -38.69 0.30 8.72
CA GLU D 56 -39.15 0.51 10.09
C GLU D 56 -40.66 0.31 10.24
N SER D 57 -41.47 1.04 9.48
CA SER D 57 -42.92 1.04 9.66
C SER D 57 -43.62 0.00 8.79
N GLY D 58 -43.10 -0.26 7.59
CA GLY D 58 -43.66 -1.24 6.68
C GLY D 58 -44.56 -0.68 5.61
N GLU D 59 -44.95 0.58 5.69
CA GLU D 59 -45.72 1.17 4.61
C GLU D 59 -44.82 1.34 3.40
N LEU D 60 -45.35 1.02 2.22
CA LEU D 60 -44.62 1.23 0.99
C LEU D 60 -45.41 2.22 0.13
N LEU D 61 -44.68 2.97 -0.68
CA LEU D 61 -45.23 4.04 -1.50
C LEU D 61 -44.76 3.87 -2.94
N PHE D 62 -45.71 3.68 -3.85
CA PHE D 62 -45.40 3.62 -5.27
C PHE D 62 -45.29 5.02 -5.85
N ASP D 63 -44.74 5.11 -7.04
CA ASP D 63 -44.59 6.36 -7.76
C ASP D 63 -45.66 6.46 -8.85
N GLU D 64 -45.55 7.48 -9.69
CA GLU D 64 -46.64 7.95 -10.55
C GLU D 64 -47.39 6.85 -11.31
N GLY D 65 -46.68 6.01 -12.04
CA GLY D 65 -47.34 4.98 -12.83
C GLY D 65 -47.14 3.56 -12.36
N PHE D 66 -46.67 3.37 -11.12
CA PHE D 66 -46.40 2.04 -10.60
C PHE D 66 -47.38 1.70 -9.49
N GLY D 67 -47.64 0.39 -9.34
CA GLY D 67 -48.63 -0.09 -8.39
C GLY D 67 -48.41 -1.55 -8.07
N SER D 68 -49.27 -2.07 -7.19
CA SER D 68 -49.16 -3.44 -6.72
C SER D 68 -49.44 -4.47 -7.79
N ASN D 69 -49.97 -4.06 -8.95
CA ASN D 69 -50.22 -5.01 -10.03
C ASN D 69 -48.92 -5.59 -10.56
N LYS D 70 -47.87 -4.77 -10.64
CA LYS D 70 -46.58 -5.20 -11.16
C LYS D 70 -45.49 -5.31 -10.11
N PHE D 71 -45.55 -4.52 -9.03
CA PHE D 71 -44.44 -4.41 -8.09
C PHE D 71 -44.90 -4.63 -6.66
N HIS D 72 -44.04 -5.26 -5.86
CA HIS D 72 -44.26 -5.37 -4.41
C HIS D 72 -42.92 -5.48 -3.71
N ALA D 73 -42.73 -4.71 -2.65
CA ALA D 73 -41.46 -4.69 -1.94
C ALA D 73 -41.64 -5.14 -0.51
N PHE D 74 -40.80 -6.07 -0.06
CA PHE D 74 -40.88 -6.55 1.32
C PHE D 74 -39.48 -6.87 1.83
N LYS D 75 -39.41 -7.38 3.06
CA LYS D 75 -38.16 -7.74 3.69
C LYS D 75 -38.19 -9.23 4.06
N ASP D 76 -37.24 -9.98 3.53
CA ASP D 76 -37.19 -11.42 3.78
C ASP D 76 -36.93 -11.69 5.26
N GLN D 77 -37.83 -12.45 5.89
CA GLN D 77 -37.70 -12.80 7.30
C GLN D 77 -36.84 -14.03 7.52
N PHE D 78 -36.75 -14.91 6.53
CA PHE D 78 -36.01 -16.17 6.71
C PHE D 78 -34.50 -15.94 6.71
N ASN D 79 -34.02 -14.86 6.09
CA ASN D 79 -32.60 -14.60 5.92
C ASN D 79 -32.23 -13.19 6.39
N GLY D 80 -33.02 -12.61 7.29
CA GLY D 80 -32.73 -11.32 7.89
C GLY D 80 -32.99 -10.12 7.00
N LYS D 82 -31.85 -8.29 4.43
CA LYS D 82 -32.17 -8.56 3.03
C LYS D 82 -33.59 -8.11 2.69
N PHE D 83 -33.73 -7.48 1.53
CA PHE D 83 -34.99 -6.94 1.06
C PHE D 83 -35.26 -7.41 -0.37
N ILE D 84 -36.53 -7.63 -0.69
CA ILE D 84 -36.95 -8.18 -1.97
C ILE D 84 -37.81 -7.16 -2.70
N LEU D 85 -37.50 -6.96 -3.97
CA LEU D 85 -38.41 -6.31 -4.92
C LEU D 85 -38.97 -7.38 -5.84
N LEU D 86 -40.27 -7.61 -5.76
CA LEU D 86 -40.95 -8.63 -6.55
C LEU D 86 -41.65 -7.98 -7.73
N ILE D 87 -41.13 -8.22 -8.92
CA ILE D 87 -41.78 -7.86 -10.17
C ILE D 87 -42.68 -9.04 -10.52
N LYS D 88 -43.97 -8.77 -10.70
CA LYS D 88 -44.99 -9.80 -10.56
C LYS D 88 -45.32 -10.56 -11.84
N LYS D 89 -45.33 -9.89 -12.99
CA LYS D 89 -45.67 -10.54 -14.27
C LYS D 89 -44.62 -10.14 -15.30
N LEU D 90 -43.50 -10.84 -15.31
CA LEU D 90 -42.36 -10.43 -16.12
C LEU D 90 -42.70 -10.37 -17.60
N GLU D 91 -42.27 -9.28 -18.24
CA GLU D 91 -42.28 -9.11 -19.69
C GLU D 91 -40.96 -8.53 -20.14
N VAL D 92 -40.81 -8.19 -21.43
CA VAL D 92 -39.50 -7.73 -21.90
C VAL D 92 -39.29 -6.26 -21.62
N ARG D 93 -40.35 -5.45 -21.54
CA ARG D 93 -40.18 -4.07 -21.09
C ARG D 93 -39.75 -4.02 -19.64
N ASP D 94 -40.04 -5.06 -18.84
CA ASP D 94 -39.62 -5.08 -17.45
C ASP D 94 -38.12 -5.32 -17.31
N SER D 95 -37.46 -5.80 -18.37
CA SER D 95 -36.02 -5.97 -18.33
C SER D 95 -35.33 -4.63 -18.10
N GLY D 96 -34.14 -4.69 -17.53
CA GLY D 96 -33.38 -3.47 -17.31
C GLY D 96 -32.55 -3.58 -16.04
N MET D 97 -32.25 -2.44 -15.44
CA MET D 97 -31.43 -2.38 -14.24
C MET D 97 -32.30 -1.97 -13.07
N TYR D 98 -32.24 -2.74 -11.98
CA TYR D 98 -33.01 -2.47 -10.77
C TYR D 98 -32.05 -2.25 -9.62
N TYR D 99 -32.06 -1.04 -9.08
CA TYR D 99 -31.19 -0.63 -8.00
C TYR D 99 -31.98 -0.41 -6.72
N CYS D 100 -31.35 -0.71 -5.59
CA CYS D 100 -31.86 -0.34 -4.28
C CYS D 100 -30.99 0.78 -3.73
N ALA D 101 -31.63 1.73 -3.05
CA ALA D 101 -30.96 2.96 -2.65
C ALA D 101 -31.39 3.34 -1.24
N ILE D 102 -30.53 4.14 -0.59
CA ILE D 102 -30.78 4.68 0.74
C ILE D 102 -30.16 6.07 0.79
N TRP D 103 -30.52 6.84 1.79
CA TRP D 103 -29.84 8.09 2.09
C TRP D 103 -28.75 7.80 3.11
N ASP D 104 -27.58 8.40 2.93
CA ASP D 104 -26.42 8.09 3.74
C ASP D 104 -26.67 8.42 5.22
N TRP D 105 -25.71 8.03 6.06
CA TRP D 105 -25.74 8.42 7.47
C TRP D 105 -25.89 9.93 7.60
N ASP D 106 -25.29 10.68 6.67
CA ASP D 106 -25.53 12.11 6.60
C ASP D 106 -26.96 12.42 6.22
N GLY D 107 -27.57 11.57 5.39
CA GLY D 107 -28.93 11.77 4.94
C GLY D 107 -29.10 12.89 3.94
N LEU D 108 -28.01 13.42 3.41
CA LEU D 108 -28.02 14.44 2.36
C LEU D 108 -27.61 13.89 1.01
N VAL D 109 -27.06 12.68 0.96
CA VAL D 109 -26.60 12.05 -0.27
C VAL D 109 -27.28 10.69 -0.39
N LYS D 110 -27.56 10.30 -1.62
CA LYS D 110 -28.24 9.04 -1.91
C LYS D 110 -27.26 8.04 -2.51
N VAL D 111 -27.27 6.83 -1.97
CA VAL D 111 -26.33 5.77 -2.33
C VAL D 111 -27.13 4.63 -2.94
N PHE D 112 -26.68 4.14 -4.10
CA PHE D 112 -27.33 3.09 -4.85
C PHE D 112 -26.54 1.79 -4.74
N GLY D 113 -27.25 0.68 -4.89
CA GLY D 113 -26.61 -0.62 -4.96
C GLY D 113 -25.89 -0.82 -6.29
N GLU D 114 -25.10 -1.90 -6.33
CA GLU D 114 -24.36 -2.22 -7.55
C GLU D 114 -25.27 -2.42 -8.74
N GLY D 115 -26.48 -2.90 -8.51
CA GLY D 115 -27.48 -3.06 -9.56
C GLY D 115 -27.72 -4.52 -9.88
N THR D 116 -28.99 -4.85 -10.12
CA THR D 116 -29.36 -6.18 -10.59
C THR D 116 -29.99 -6.06 -11.97
N ARG D 117 -29.44 -6.76 -12.95
CA ARG D 117 -29.97 -6.75 -14.30
C ARG D 117 -31.06 -7.81 -14.41
N LEU D 118 -32.30 -7.36 -14.66
CA LEU D 118 -33.40 -8.27 -14.91
C LEU D 118 -33.50 -8.54 -16.41
N ILE D 119 -33.36 -9.80 -16.80
CA ILE D 119 -33.48 -10.26 -18.17
C ILE D 119 -34.49 -11.41 -18.21
N VAL D 120 -35.44 -11.32 -19.12
CA VAL D 120 -36.55 -12.26 -19.20
C VAL D 120 -36.35 -13.14 -20.43
N THR D 121 -36.11 -14.42 -20.21
CA THR D 121 -35.99 -15.37 -21.31
C THR D 121 -37.37 -15.68 -21.86
N GLU D 122 -37.51 -15.67 -23.19
CA GLU D 122 -38.79 -15.97 -23.82
C GLU D 122 -39.21 -17.42 -23.62
N SER D 123 -38.30 -18.29 -23.20
CA SER D 123 -38.60 -19.69 -22.94
C SER D 123 -37.71 -20.17 -21.80
N ALA D 124 -37.73 -21.48 -21.56
CA ALA D 124 -36.99 -22.08 -20.46
C ALA D 124 -35.49 -21.77 -20.56
N PHE D 125 -34.81 -21.89 -19.42
CA PHE D 125 -33.40 -21.52 -19.30
C PHE D 125 -32.69 -22.54 -18.42
N LYS D 126 -31.42 -22.80 -18.76
CA LYS D 126 -30.59 -23.75 -18.01
C LYS D 126 -29.82 -23.11 -16.87
N LYS D 127 -29.27 -21.90 -17.09
CA LYS D 127 -28.48 -21.18 -16.09
C LYS D 127 -27.25 -21.97 -15.67
N LYS D 128 -26.33 -22.13 -16.63
CA LYS D 128 -25.06 -22.82 -16.40
C LYS D 128 -24.10 -21.90 -15.62
N PRO D 129 -23.30 -22.46 -14.72
CA PRO D 129 -22.40 -21.62 -13.92
C PRO D 129 -21.04 -21.49 -14.57
N PRO D 130 -20.25 -20.49 -14.18
CA PRO D 130 -18.95 -20.27 -14.84
C PRO D 130 -17.85 -21.15 -14.28
N LYS D 131 -16.93 -21.55 -15.17
CA LYS D 131 -15.77 -22.35 -14.81
C LYS D 131 -14.50 -21.57 -15.07
N PRO D 132 -13.65 -21.32 -14.07
CA PRO D 132 -12.40 -20.60 -14.30
C PRO D 132 -11.22 -21.51 -14.61
N ILE D 133 -10.35 -21.04 -15.51
CA ILE D 133 -9.02 -21.62 -15.70
C ILE D 133 -7.99 -20.50 -15.58
N PHE D 134 -6.85 -20.81 -14.97
CA PHE D 134 -5.83 -19.81 -14.65
C PHE D 134 -4.51 -20.14 -15.33
N PHE D 135 -3.92 -19.13 -15.95
CA PHE D 135 -2.60 -19.19 -16.58
C PHE D 135 -1.67 -18.34 -15.74
N LEU D 136 -0.58 -18.94 -15.28
CA LEU D 136 0.45 -18.26 -14.50
C LEU D 136 1.38 -17.51 -15.46
N PRO D 137 2.21 -16.59 -14.95
CA PRO D 137 3.14 -15.88 -15.84
C PRO D 137 4.19 -16.82 -16.41
N THR D 138 4.63 -16.52 -17.62
CA THR D 138 5.54 -17.40 -18.35
C THR D 138 6.96 -17.21 -17.85
N SER D 139 7.84 -18.12 -18.27
CA SER D 139 9.26 -17.96 -17.93
C SER D 139 9.81 -16.68 -18.56
N GLU D 140 9.29 -16.29 -19.72
CA GLU D 140 9.60 -15.00 -20.32
C GLU D 140 8.87 -13.91 -19.54
N GLU D 141 8.97 -12.67 -20.04
CA GLU D 141 8.38 -11.42 -19.55
C GLU D 141 8.86 -11.08 -18.13
N ILE D 142 9.38 -12.06 -17.41
CA ILE D 142 10.10 -11.73 -16.18
C ILE D 142 11.52 -11.29 -16.53
N LYS D 143 12.15 -11.99 -17.46
CA LYS D 143 13.41 -11.54 -18.02
C LYS D 143 13.21 -10.37 -18.98
N GLN D 144 12.23 -10.48 -19.87
CA GLN D 144 12.07 -9.50 -20.93
C GLN D 144 11.46 -8.19 -20.43
N LYS D 145 10.38 -8.28 -19.64
CA LYS D 145 9.61 -7.10 -19.28
C LYS D 145 9.55 -6.86 -17.78
N GLN D 146 10.30 -7.64 -16.99
CA GLN D 146 10.35 -7.48 -15.53
C GLN D 146 8.96 -7.49 -14.90
N SER D 147 8.04 -8.24 -15.51
CA SER D 147 6.67 -8.34 -14.99
C SER D 147 6.05 -9.65 -15.41
N GLY D 148 5.01 -10.06 -14.68
CA GLY D 148 4.29 -11.28 -14.94
C GLY D 148 2.87 -10.98 -15.35
N THR D 149 2.16 -12.02 -15.77
CA THR D 149 0.75 -11.89 -16.19
C THR D 149 -0.06 -13.10 -15.73
N TYR D 150 -1.05 -12.85 -14.89
CA TYR D 150 -2.00 -13.86 -14.44
C TYR D 150 -3.30 -13.75 -15.25
N ILE D 151 -3.63 -14.80 -16.00
CA ILE D 151 -4.78 -14.80 -16.91
C ILE D 151 -5.86 -15.72 -16.37
N CYS D 152 -7.07 -15.20 -16.17
CA CYS D 152 -8.21 -16.04 -15.81
C CYS D 152 -9.24 -16.03 -16.93
N LEU D 153 -9.66 -17.22 -17.35
CA LEU D 153 -10.74 -17.41 -18.32
C LEU D 153 -11.94 -18.02 -17.61
N LEU D 154 -13.03 -17.24 -17.51
CA LEU D 154 -14.31 -17.76 -17.06
C LEU D 154 -15.09 -18.21 -18.29
N GLU D 155 -15.41 -19.51 -18.36
CA GLU D 155 -16.06 -20.07 -19.53
C GLU D 155 -17.35 -20.78 -19.16
N ASP D 156 -18.26 -20.84 -20.14
CA ASP D 156 -19.44 -21.70 -20.15
C ASP D 156 -20.39 -21.37 -18.99
N PHE D 157 -20.93 -20.15 -19.03
CA PHE D 157 -21.93 -19.74 -18.05
C PHE D 157 -23.08 -19.00 -18.71
N PHE D 158 -24.25 -19.09 -18.06
CA PHE D 158 -25.47 -18.35 -18.37
C PHE D 158 -26.04 -17.85 -17.05
N PRO D 159 -26.49 -16.59 -16.99
CA PRO D 159 -26.58 -15.64 -18.11
C PRO D 159 -25.29 -14.90 -18.42
N ASN D 160 -25.39 -13.97 -19.38
CA ASN D 160 -24.24 -13.19 -19.84
C ASN D 160 -23.95 -12.03 -18.88
N VAL D 161 -23.78 -12.40 -17.60
CA VAL D 161 -23.58 -11.42 -16.53
C VAL D 161 -22.68 -12.04 -15.48
N VAL D 162 -21.61 -11.32 -15.14
CA VAL D 162 -20.66 -11.78 -14.12
C VAL D 162 -19.82 -10.57 -13.71
N LYS D 163 -19.47 -10.52 -12.42
CA LYS D 163 -18.55 -9.51 -11.93
C LYS D 163 -17.28 -10.20 -11.48
N THR D 164 -16.12 -9.71 -11.93
CA THR D 164 -14.85 -10.33 -11.61
C THR D 164 -13.85 -9.28 -11.19
N TYR D 165 -12.88 -9.70 -10.37
CA TYR D 165 -11.80 -8.83 -9.95
C TYR D 165 -10.72 -9.67 -9.29
N TRP D 166 -9.62 -9.02 -8.93
CA TRP D 166 -8.47 -9.65 -8.30
C TRP D 166 -8.12 -8.87 -7.04
N LYS D 167 -7.66 -9.60 -6.02
CA LYS D 167 -7.28 -8.97 -4.77
C LYS D 167 -6.19 -9.79 -4.10
N GLU D 168 -5.05 -9.16 -3.85
CA GLU D 168 -4.00 -9.85 -3.10
C GLU D 168 -4.40 -9.90 -1.62
N ASP D 169 -3.81 -10.86 -0.90
CA ASP D 169 -4.15 -11.01 0.51
C ASP D 169 -3.81 -9.77 1.34
N GLY D 170 -3.06 -8.81 0.78
CA GLY D 170 -2.73 -7.62 1.52
C GLY D 170 -3.85 -6.59 1.56
N ASN D 171 -4.70 -6.54 0.54
CA ASN D 171 -5.70 -5.49 0.41
C ASN D 171 -7.08 -6.09 0.22
N SER D 172 -8.09 -5.34 0.69
CA SER D 172 -9.50 -5.67 0.51
C SER D 172 -10.06 -5.03 -0.74
N GLN D 173 -9.70 -3.77 -1.00
CA GLN D 173 -10.07 -3.12 -2.26
C GLN D 173 -9.55 -3.94 -3.44
N PRO D 174 -10.34 -4.13 -4.48
CA PRO D 174 -9.92 -5.01 -5.58
C PRO D 174 -8.74 -4.45 -6.35
N LEU D 175 -7.92 -5.36 -6.87
CA LEU D 175 -6.71 -5.02 -7.61
C LEU D 175 -7.03 -4.80 -9.09
N ASP D 176 -6.26 -3.93 -9.72
CA ASP D 176 -6.53 -3.49 -11.08
C ASP D 176 -6.06 -4.54 -12.09
N ALA D 177 -7.01 -5.14 -12.80
CA ALA D 177 -6.71 -6.03 -13.91
C ALA D 177 -7.20 -5.40 -15.20
N GLN D 178 -6.92 -6.06 -16.31
CA GLN D 178 -7.52 -5.71 -17.59
C GLN D 178 -8.59 -6.74 -17.92
N PHE D 179 -9.74 -6.26 -18.38
CA PHE D 179 -10.91 -7.12 -18.58
C PHE D 179 -11.34 -7.11 -20.04
N GLY D 180 -11.62 -8.29 -20.55
CA GLY D 180 -12.10 -8.46 -21.90
C GLY D 180 -13.60 -8.34 -22.00
N PRO D 181 -14.09 -8.05 -23.21
CA PRO D 181 -15.54 -8.17 -23.46
C PRO D 181 -16.03 -9.57 -23.13
N ILE D 182 -17.19 -9.64 -22.47
CA ILE D 182 -17.83 -10.93 -22.26
C ILE D 182 -18.29 -11.44 -23.61
N THR D 183 -17.72 -12.56 -24.05
CA THR D 183 -17.91 -13.07 -25.40
C THR D 183 -18.57 -14.44 -25.35
N GLY D 184 -19.53 -14.64 -26.25
CA GLY D 184 -20.21 -15.91 -26.34
C GLY D 184 -21.58 -15.74 -26.98
N GLY D 185 -22.38 -16.80 -26.87
CA GLY D 185 -23.75 -16.74 -27.35
C GLY D 185 -24.53 -17.93 -26.83
N GLY D 186 -25.80 -17.96 -27.22
CA GLY D 186 -26.67 -19.07 -26.82
C GLY D 186 -26.76 -19.18 -25.32
N ASN D 187 -26.33 -20.32 -24.79
CA ASN D 187 -26.31 -20.57 -23.34
C ASN D 187 -24.90 -20.89 -22.84
N SER D 188 -23.90 -20.26 -23.45
CA SER D 188 -22.51 -20.40 -23.01
C SER D 188 -21.79 -19.10 -23.33
N TYR D 189 -21.24 -18.46 -22.30
CA TYR D 189 -20.54 -17.19 -22.43
C TYR D 189 -19.20 -17.28 -21.72
N SER D 190 -18.32 -16.31 -22.00
CA SER D 190 -16.99 -16.37 -21.44
C SER D 190 -16.40 -14.96 -21.37
N GLN D 191 -15.42 -14.82 -20.49
CA GLN D 191 -14.75 -13.55 -20.26
C GLN D 191 -13.32 -13.85 -19.82
N VAL D 192 -12.40 -13.06 -20.34
CA VAL D 192 -11.00 -13.14 -19.94
C VAL D 192 -10.71 -11.95 -19.03
N SER D 193 -9.87 -12.17 -18.04
CA SER D 193 -9.44 -11.10 -17.16
C SER D 193 -7.97 -11.35 -16.85
N TRP D 194 -7.10 -10.42 -17.22
CA TRP D 194 -5.70 -10.61 -16.97
C TRP D 194 -5.15 -9.46 -16.14
N LEU D 195 -4.28 -9.82 -15.21
CA LEU D 195 -3.65 -8.88 -14.30
C LEU D 195 -2.16 -9.09 -14.40
N THR D 196 -1.45 -8.11 -14.95
CA THR D 196 0.01 -8.16 -14.90
C THR D 196 0.37 -7.80 -13.47
N VAL D 197 0.73 -8.81 -12.67
CA VAL D 197 0.81 -8.66 -11.22
C VAL D 197 2.22 -8.82 -10.68
N LYS D 198 3.22 -8.40 -11.43
CA LYS D 198 4.60 -8.55 -10.98
C LYS D 198 5.40 -7.30 -11.30
N GLU D 199 6.13 -6.80 -10.31
CA GLU D 199 7.21 -5.85 -10.50
C GLU D 199 8.54 -6.54 -10.22
N ASP D 200 8.64 -7.79 -10.69
CA ASP D 200 9.60 -8.80 -10.24
C ASP D 200 9.34 -9.22 -8.81
N VAL D 201 8.23 -8.78 -8.23
CA VAL D 201 7.82 -9.15 -6.88
C VAL D 201 6.35 -9.55 -6.91
N LEU D 202 6.05 -10.73 -6.39
CA LEU D 202 4.68 -11.22 -6.30
C LEU D 202 4.44 -11.73 -4.89
N ARG D 203 3.30 -11.34 -4.31
CA ARG D 203 2.94 -11.81 -2.99
C ARG D 203 2.67 -13.31 -3.01
N LYS D 204 2.89 -13.95 -1.87
CA LYS D 204 2.62 -15.37 -1.73
C LYS D 204 1.15 -15.66 -1.44
N ASN D 205 0.25 -14.70 -1.64
CA ASN D 205 -1.19 -14.96 -1.46
C ASN D 205 -1.98 -13.91 -2.25
N LEU D 206 -2.44 -14.27 -3.45
CA LEU D 206 -3.43 -13.48 -4.18
C LEU D 206 -4.65 -14.35 -4.48
N THR D 207 -5.79 -13.69 -4.74
CA THR D 207 -7.04 -14.39 -4.97
C THR D 207 -7.87 -13.70 -6.04
N TYR D 208 -8.45 -14.50 -6.94
CA TYR D 208 -9.32 -14.01 -8.00
C TYR D 208 -10.76 -14.26 -7.59
N PHE D 209 -11.58 -13.22 -7.56
CA PHE D 209 -12.97 -13.30 -7.16
C PHE D 209 -13.89 -13.11 -8.37
N TYR D 210 -14.98 -13.86 -8.39
CA TYR D 210 -16.02 -13.64 -9.38
C TYR D 210 -17.36 -14.06 -8.80
N GLN D 211 -18.40 -13.31 -9.18
CA GLN D 211 -19.75 -13.54 -8.71
C GLN D 211 -20.70 -13.58 -9.91
N HIS D 212 -21.64 -14.51 -9.84
CA HIS D 212 -22.54 -14.80 -10.94
C HIS D 212 -23.86 -15.29 -10.36
N GLU D 213 -24.93 -15.12 -11.13
CA GLU D 213 -26.27 -15.41 -10.64
C GLU D 213 -26.39 -16.85 -10.14
N ASP D 214 -25.73 -17.80 -10.81
CA ASP D 214 -25.86 -19.20 -10.42
C ASP D 214 -25.22 -19.46 -9.06
N LEU D 215 -24.13 -18.77 -8.74
CA LEU D 215 -23.46 -18.92 -7.46
C LEU D 215 -24.09 -18.07 -6.36
N GLY D 216 -25.33 -17.64 -6.54
CA GLY D 216 -26.05 -16.91 -5.51
C GLY D 216 -25.60 -15.48 -5.34
N MET D 217 -25.46 -15.05 -4.09
CA MET D 217 -25.09 -13.67 -3.77
C MET D 217 -23.64 -13.50 -3.36
N GLU D 218 -23.07 -14.47 -2.66
CA GLU D 218 -21.69 -14.28 -2.27
C GLU D 218 -20.76 -14.71 -3.40
N PRO D 219 -19.67 -13.99 -3.64
CA PRO D 219 -18.77 -14.36 -4.74
C PRO D 219 -17.94 -15.58 -4.37
N LYS D 220 -17.33 -16.15 -5.40
CA LYS D 220 -16.41 -17.28 -5.26
C LYS D 220 -14.99 -16.82 -5.54
N ALA D 221 -14.04 -17.49 -4.89
CA ALA D 221 -12.65 -17.10 -4.94
C ALA D 221 -11.78 -18.28 -5.34
N PHE D 222 -10.67 -17.97 -6.01
CA PHE D 222 -9.65 -18.96 -6.35
C PHE D 222 -8.30 -18.37 -5.96
N SER D 223 -7.57 -19.08 -5.10
CA SER D 223 -6.31 -18.59 -4.57
C SER D 223 -5.16 -19.04 -5.46
N ILE D 224 -4.43 -18.08 -6.02
CA ILE D 224 -3.19 -18.36 -6.73
C ILE D 224 -2.07 -18.43 -5.69
N SER D 225 -1.46 -19.60 -5.56
CA SER D 225 -0.49 -19.89 -4.50
C SER D 225 0.49 -18.76 -4.21
C1 NAG E . 31.00 -1.98 -13.89
C2 NAG E . 32.50 -2.17 -14.26
C3 NAG E . 32.65 -3.22 -15.37
C4 NAG E . 31.94 -4.51 -15.01
C5 NAG E . 30.47 -4.21 -14.79
C6 NAG E . 29.67 -5.43 -14.38
C7 NAG E . 34.39 -0.72 -14.83
C8 NAG E . 34.82 0.63 -15.30
N2 NAG E . 33.08 -0.91 -14.69
O3 NAG E . 34.03 -3.50 -15.58
O4 NAG E . 32.08 -5.48 -16.04
O5 NAG E . 30.36 -3.28 -13.70
O6 NAG E . 29.72 -6.44 -15.38
O7 NAG E . 35.21 -1.60 -14.59
#